data_4W5K
#
_entry.id   4W5K
#
_cell.length_a   62.390
_cell.length_b   96.660
_cell.length_c   81.610
_cell.angle_alpha   90.000
_cell.angle_beta   111.030
_cell.angle_gamma   90.000
#
_symmetry.space_group_name_H-M   'P 1 21 1'
#
loop_
_entity.id
_entity.type
_entity.pdbx_description
1 polymer 'Aspartate aminotransferase, mitochondrial'
2 non-polymer "PYRIDOXAL-5'-PHOSPHATE"
3 non-polymer D-MALATE
4 non-polymer 1,2-ETHANEDIOL
5 water water
#
_entity_poly.entity_id   1
_entity_poly.type   'polypeptide(L)'
_entity_poly.pdbx_seq_one_letter_code
;MAHHHHHHMGKPDPILGLGQDFRMDPAKRKVNLSIGVYRDDADQPFVLECVKQATLGTNMDYAPVTGIASFVEEAQKLCF
GPTCAALRDGRIASCQTLGGTGALRIGGDLLNRFVANCNRIYGPDVGYPNHESIFAKAGMELTPYSYYDPATKGLNLAGM
LECLDKAPEGSVILVHACAHNPTGVDPTHDDWRQVCDVIKRRNHIPFVDMAYQGFATGQLDYDAFVPRHLVDMVPNLIVA
QSFSANFGLYGHRCGALHISTASAEEAKRLVSQLALLIRPMYSNPPLYGAWVVSSILKDPQLTALWKKELKQMSSRIAEV
RKRLVSELKACGSVHDWSHIERQVGMMAYTGLTREQVELLRSEYHIYMTLNGRAAVSGLNSTNVEYVSQAIHNVTK
;
_entity_poly.pdbx_strand_id   A,B
#
# COMPACT_ATOMS: atom_id res chain seq x y z
N GLY A 17 -20.60 4.10 -1.25
CA GLY A 17 -20.95 5.00 -0.17
C GLY A 17 -22.03 5.98 -0.56
N LEU A 18 -22.91 6.28 0.39
CA LEU A 18 -24.07 7.17 0.20
C LEU A 18 -23.71 8.64 0.19
N GLY A 19 -22.42 8.94 0.33
CA GLY A 19 -21.94 10.30 0.45
C GLY A 19 -22.36 11.19 -0.70
N GLN A 20 -22.34 10.65 -1.91
CA GLN A 20 -22.63 11.41 -3.12
C GLN A 20 -24.04 11.98 -3.08
N ASP A 21 -25.02 11.12 -2.78
CA ASP A 21 -26.42 11.54 -2.70
C ASP A 21 -26.64 12.56 -1.58
N PHE A 22 -26.01 12.31 -0.43
CA PHE A 22 -26.09 13.25 0.67
C PHE A 22 -25.55 14.62 0.26
N ARG A 23 -24.38 14.62 -0.36
CA ARG A 23 -23.73 15.85 -0.80
C ARG A 23 -24.61 16.59 -1.81
N MET A 24 -25.24 15.83 -2.71
CA MET A 24 -26.06 16.43 -3.76
C MET A 24 -27.42 16.91 -3.23
N ASP A 25 -27.81 16.42 -2.05
CA ASP A 25 -29.09 16.76 -1.44
C ASP A 25 -29.21 18.26 -1.13
N PRO A 26 -30.22 18.92 -1.73
CA PRO A 26 -30.43 20.37 -1.57
C PRO A 26 -31.09 20.77 -0.25
N ALA A 27 -31.59 19.80 0.52
CA ALA A 27 -32.31 20.10 1.76
C ALA A 27 -31.42 20.86 2.75
N LYS A 28 -31.99 21.85 3.41
CA LYS A 28 -31.24 22.66 4.37
C LYS A 28 -30.89 21.83 5.60
N ARG A 29 -31.83 21.00 6.06
CA ARG A 29 -31.61 20.11 7.20
C ARG A 29 -31.36 18.68 6.74
N LYS A 30 -30.09 18.29 6.68
CA LYS A 30 -29.73 16.93 6.32
C LYS A 30 -28.60 16.42 7.23
N VAL A 31 -28.52 15.11 7.39
CA VAL A 31 -27.53 14.51 8.29
C VAL A 31 -26.97 13.24 7.64
N ASN A 32 -25.65 13.11 7.65
CA ASN A 32 -25.00 11.93 7.07
C ASN A 32 -24.59 10.95 8.16
N LEU A 33 -25.37 9.88 8.31
CA LEU A 33 -25.06 8.86 9.30
C LEU A 33 -24.51 7.61 8.60
N SER A 34 -23.79 7.83 7.50
CA SER A 34 -23.27 6.70 6.74
C SER A 34 -21.74 6.74 6.69
N ILE A 35 -21.16 7.72 7.36
CA ILE A 35 -19.72 7.95 7.28
C ILE A 35 -18.92 6.85 7.97
N GLY A 36 -17.67 6.71 7.58
CA GLY A 36 -16.85 5.64 8.09
C GLY A 36 -15.72 6.10 8.99
N VAL A 37 -15.68 7.41 9.28
CA VAL A 37 -14.56 7.99 10.02
C VAL A 37 -15.03 8.86 11.19
N TYR A 38 -14.14 9.10 12.15
CA TYR A 38 -14.50 9.96 13.28
C TYR A 38 -14.70 11.41 12.86
N ARG A 39 -15.60 12.08 13.58
CA ARG A 39 -15.82 13.53 13.47
C ARG A 39 -15.93 14.10 14.89
N ASP A 40 -15.50 15.34 15.09
CA ASP A 40 -15.67 16.00 16.39
C ASP A 40 -17.11 16.53 16.50
N ASP A 41 -17.41 17.21 17.60
CA ASP A 41 -18.76 17.74 17.83
C ASP A 41 -19.20 18.82 16.83
N ALA A 42 -18.25 19.40 16.10
CA ALA A 42 -18.52 20.38 15.07
C ALA A 42 -18.62 19.76 13.69
N ASP A 43 -18.61 18.43 13.66
CA ASP A 43 -18.73 17.66 12.43
C ASP A 43 -17.50 17.88 11.53
N GLN A 44 -16.35 18.08 12.16
CA GLN A 44 -15.09 18.26 11.43
C GLN A 44 -14.22 17.03 11.53
N PRO A 45 -13.41 16.76 10.48
CA PRO A 45 -12.35 15.77 10.67
C PRO A 45 -11.43 16.19 11.81
N PHE A 46 -10.87 15.22 12.52
CA PHE A 46 -10.16 15.51 13.76
C PHE A 46 -8.75 15.01 13.67
N VAL A 47 -7.81 15.94 13.52
CA VAL A 47 -6.39 15.60 13.54
C VAL A 47 -5.90 15.74 14.97
N LEU A 48 -5.39 14.65 15.53
CA LEU A 48 -4.99 14.63 16.94
C LEU A 48 -3.81 15.57 17.22
N GLU A 49 -3.84 16.22 18.38
CA GLU A 49 -2.75 17.12 18.75
C GLU A 49 -1.44 16.35 18.87
N CYS A 50 -1.49 15.13 19.38
CA CYS A 50 -0.27 14.33 19.46
C CYS A 50 0.29 14.03 18.07
N VAL A 51 -0.58 13.87 17.07
CA VAL A 51 -0.13 13.64 15.71
C VAL A 51 0.51 14.91 15.12
N LYS A 52 -0.09 16.07 15.39
CA LYS A 52 0.51 17.34 14.98
C LYS A 52 1.91 17.54 15.55
N GLN A 53 2.11 17.11 16.78
CA GLN A 53 3.39 17.28 17.47
C GLN A 53 4.40 16.16 17.21
N ALA A 54 3.98 15.11 16.50
CA ALA A 54 4.86 14.01 16.18
C ALA A 54 6.01 14.49 15.30
N THR A 55 7.16 13.86 15.45
CA THR A 55 8.34 14.19 14.64
C THR A 55 8.48 13.25 13.43
N LEU A 56 8.54 13.80 12.21
CA LEU A 56 8.69 12.95 11.03
C LEU A 56 10.15 12.69 10.75
N GLY A 57 10.45 11.61 10.03
CA GLY A 57 11.79 11.40 9.51
C GLY A 57 12.15 12.45 8.46
N THR A 58 13.43 12.50 8.08
CA THR A 58 13.93 13.53 7.18
C THR A 58 14.31 12.98 5.81
N ASN A 59 14.27 11.67 5.73
CA ASN A 59 14.71 10.88 4.57
C ASN A 59 13.48 10.21 3.96
N MET A 60 13.27 10.35 2.64
CA MET A 60 12.12 9.66 2.01
C MET A 60 12.54 8.34 1.37
N ASP A 61 13.72 7.82 1.73
CA ASP A 61 14.14 6.50 1.26
C ASP A 61 13.06 5.44 1.57
N TYR A 62 13.06 4.37 0.80
CA TYR A 62 12.18 3.25 1.10
C TYR A 62 12.37 2.73 2.52
N ALA A 63 11.26 2.42 3.20
CA ALA A 63 11.33 1.62 4.42
C ALA A 63 11.73 0.19 4.07
N PRO A 64 12.18 -0.60 5.07
CA PRO A 64 12.32 -2.02 4.80
C PRO A 64 11.01 -2.65 4.37
N VAL A 65 11.10 -3.78 3.66
CA VAL A 65 9.90 -4.48 3.22
C VAL A 65 8.89 -4.74 4.35
N THR A 66 9.40 -5.08 5.54
CA THR A 66 8.53 -5.40 6.69
C THR A 66 8.20 -4.19 7.54
N GLY A 67 8.65 -3.02 7.12
CA GLY A 67 8.27 -1.77 7.75
C GLY A 67 9.37 -1.14 8.54
N ILE A 68 9.14 0.11 8.98
CA ILE A 68 10.07 0.76 9.88
C ILE A 68 10.18 -0.05 11.17
N ALA A 69 11.39 -0.48 11.52
CA ALA A 69 11.59 -1.44 12.60
C ALA A 69 11.09 -0.92 13.96
N SER A 70 11.34 0.34 14.26
CA SER A 70 10.89 0.90 15.54
C SER A 70 9.37 0.96 15.61
N PHE A 71 8.73 1.27 14.48
CA PHE A 71 7.26 1.26 14.43
C PHE A 71 6.73 -0.14 14.73
N VAL A 72 7.32 -1.15 14.09
CA VAL A 72 6.82 -2.50 14.29
C VAL A 72 6.97 -2.92 15.76
N GLU A 73 8.13 -2.61 16.34
CA GLU A 73 8.39 -2.84 17.77
CA GLU A 73 8.37 -2.90 17.75
C GLU A 73 7.34 -2.23 18.67
N GLU A 74 7.06 -0.95 18.43
CA GLU A 74 6.06 -0.24 19.24
C GLU A 74 4.64 -0.78 19.00
N ALA A 75 4.32 -1.15 17.77
CA ALA A 75 3.01 -1.75 17.47
C ALA A 75 2.82 -3.05 18.25
N GLN A 76 3.85 -3.90 18.23
CA GLN A 76 3.82 -5.12 19.05
C GLN A 76 3.55 -4.85 20.52
N LYS A 77 4.30 -3.91 21.08
CA LYS A 77 4.20 -3.62 22.52
C LYS A 77 2.83 -3.04 22.88
N LEU A 78 2.28 -2.23 21.98
CA LEU A 78 0.95 -1.63 22.21
C LEU A 78 -0.13 -2.70 22.15
N CYS A 79 0.01 -3.63 21.20
CA CYS A 79 -0.97 -4.71 21.03
C CYS A 79 -0.96 -5.67 22.22
N PHE A 80 0.24 -6.16 22.58
CA PHE A 80 0.33 -7.29 23.49
C PHE A 80 0.66 -6.89 24.94
N GLY A 81 1.04 -5.62 25.12
CA GLY A 81 1.32 -5.06 26.43
C GLY A 81 2.72 -5.34 26.94
N PRO A 82 3.02 -4.89 28.17
CA PRO A 82 4.35 -4.98 28.80
C PRO A 82 4.69 -6.32 29.47
N THR A 83 3.69 -7.15 29.78
CA THR A 83 3.97 -8.43 30.42
C THR A 83 3.50 -9.61 29.56
N CYS A 84 3.89 -9.59 28.28
CA CYS A 84 3.57 -10.66 27.34
C CYS A 84 4.79 -11.55 27.08
N ALA A 85 4.72 -12.80 27.51
CA ALA A 85 5.82 -13.74 27.40
C ALA A 85 6.18 -14.00 25.95
N ALA A 86 5.17 -14.13 25.11
CA ALA A 86 5.38 -14.45 23.69
C ALA A 86 6.27 -13.42 23.03
N LEU A 87 5.98 -12.16 23.35
CA LEU A 87 6.73 -11.04 22.83
C LEU A 87 8.16 -11.08 23.37
N ARG A 88 8.30 -11.26 24.68
CA ARG A 88 9.59 -11.37 25.34
C ARG A 88 10.47 -12.46 24.71
N ASP A 89 9.87 -13.61 24.42
CA ASP A 89 10.62 -14.74 23.88
C ASP A 89 10.85 -14.66 22.37
N GLY A 90 10.35 -13.60 21.73
CA GLY A 90 10.59 -13.38 20.32
C GLY A 90 9.78 -14.31 19.43
N ARG A 91 8.66 -14.83 19.93
CA ARG A 91 7.98 -15.84 19.13
C ARG A 91 6.88 -15.23 18.28
N ILE A 92 6.80 -13.89 18.25
CA ILE A 92 5.79 -13.25 17.41
C ILE A 92 6.38 -12.63 16.14
N ALA A 93 5.89 -13.12 15.00
CA ALA A 93 6.29 -12.61 13.69
C ALA A 93 5.44 -11.39 13.33
N SER A 94 6.07 -10.26 13.00
CA SER A 94 5.32 -9.03 12.80
C SER A 94 5.83 -8.20 11.65
N CYS A 95 4.94 -7.39 11.09
CA CYS A 95 5.33 -6.42 10.07
C CYS A 95 4.34 -5.25 9.98
N GLN A 96 4.80 -4.17 9.38
CA GLN A 96 3.96 -3.05 9.03
C GLN A 96 3.10 -3.43 7.83
N THR A 97 1.88 -2.90 7.78
CA THR A 97 0.94 -3.21 6.71
C THR A 97 0.16 -1.98 6.28
N LEU A 98 -0.55 -2.10 5.16
CA LEU A 98 -1.38 -1.01 4.67
CA LEU A 98 -1.39 -1.00 4.66
C LEU A 98 -2.69 -0.95 5.44
N GLY A 99 -2.64 -0.33 6.62
CA GLY A 99 -3.76 -0.34 7.55
C GLY A 99 -4.14 -1.74 8.04
N GLY A 100 -5.25 -1.82 8.76
CA GLY A 100 -5.77 -3.13 9.12
C GLY A 100 -6.15 -3.98 7.92
N THR A 101 -6.56 -3.33 6.83
CA THR A 101 -6.96 -4.05 5.62
C THR A 101 -5.78 -4.84 5.08
N GLY A 102 -4.63 -4.16 4.97
CA GLY A 102 -3.41 -4.84 4.50
C GLY A 102 -3.03 -6.01 5.42
N ALA A 103 -3.16 -5.84 6.73
CA ALA A 103 -2.85 -6.94 7.63
C ALA A 103 -3.80 -8.11 7.44
N LEU A 104 -5.09 -7.84 7.24
CA LEU A 104 -6.05 -8.93 6.98
C LEU A 104 -5.68 -9.69 5.72
N ARG A 105 -5.35 -8.95 4.66
CA ARG A 105 -5.02 -9.58 3.38
C ARG A 105 -3.68 -10.34 3.43
N ILE A 106 -2.63 -9.67 3.90
CA ILE A 106 -1.31 -10.32 3.99
C ILE A 106 -1.38 -11.52 4.97
N GLY A 107 -2.05 -11.33 6.11
CA GLY A 107 -2.27 -12.46 7.02
C GLY A 107 -3.00 -13.60 6.37
N GLY A 108 -4.10 -13.29 5.69
CA GLY A 108 -4.85 -14.32 4.97
C GLY A 108 -4.00 -15.06 3.94
N ASP A 109 -3.16 -14.31 3.23
CA ASP A 109 -2.25 -14.90 2.25
C ASP A 109 -1.16 -15.76 2.90
N LEU A 110 -0.87 -15.50 4.17
CA LEU A 110 0.16 -16.24 4.91
C LEU A 110 -0.39 -17.55 5.52
N LEU A 111 -1.71 -17.66 5.66
CA LEU A 111 -2.27 -18.73 6.48
C LEU A 111 -1.84 -20.14 6.07
N ASN A 112 -1.63 -20.36 4.78
CA ASN A 112 -1.31 -21.73 4.36
C ASN A 112 0.12 -22.14 4.71
N ARG A 113 0.89 -21.23 5.27
CA ARG A 113 2.21 -21.56 5.83
C ARG A 113 2.10 -22.26 7.17
N PHE A 114 0.95 -22.13 7.86
CA PHE A 114 0.89 -22.74 9.17
C PHE A 114 -0.48 -23.30 9.57
N VAL A 115 -1.47 -23.17 8.69
CA VAL A 115 -2.79 -23.80 8.96
C VAL A 115 -3.05 -24.87 7.92
N ALA A 116 -3.33 -26.10 8.36
CA ALA A 116 -3.64 -27.18 7.43
C ALA A 116 -4.99 -26.96 6.77
N ASN A 117 -5.12 -27.42 5.53
CA ASN A 117 -6.41 -27.52 4.86
C ASN A 117 -7.10 -26.18 4.86
N CYS A 118 -6.37 -25.15 4.50
CA CYS A 118 -6.79 -23.77 4.80
C CYS A 118 -7.65 -23.17 3.69
N ASN A 119 -8.93 -23.54 3.63
CA ASN A 119 -9.79 -23.04 2.57
C ASN A 119 -11.11 -22.41 3.05
N ARG A 120 -11.26 -22.26 4.36
CA ARG A 120 -12.48 -21.71 4.95
C ARG A 120 -12.09 -20.84 6.16
N ILE A 121 -12.84 -19.77 6.41
CA ILE A 121 -12.63 -18.94 7.60
C ILE A 121 -14.01 -18.56 8.12
N TYR A 122 -14.18 -18.65 9.44
CA TYR A 122 -15.48 -18.39 10.05
C TYR A 122 -15.52 -16.96 10.58
N GLY A 123 -16.60 -16.23 10.27
CA GLY A 123 -16.71 -14.85 10.74
C GLY A 123 -18.11 -14.65 11.30
N PRO A 124 -18.32 -13.53 12.02
CA PRO A 124 -19.67 -13.33 12.59
C PRO A 124 -20.72 -13.20 11.50
N ASP A 125 -21.94 -13.68 11.76
CA ASP A 125 -23.00 -13.70 10.76
C ASP A 125 -23.30 -12.31 10.20
N VAL A 126 -23.20 -11.30 11.04
CA VAL A 126 -23.20 -9.91 10.60
C VAL A 126 -21.81 -9.37 10.82
N GLY A 127 -21.14 -9.00 9.74
CA GLY A 127 -19.75 -8.61 9.84
C GLY A 127 -19.35 -7.50 8.91
N TYR A 128 -18.05 -7.29 8.84
CA TYR A 128 -17.47 -6.23 8.06
C TYR A 128 -17.45 -6.63 6.58
N PRO A 129 -18.14 -5.83 5.74
CA PRO A 129 -18.38 -6.18 4.34
C PRO A 129 -17.11 -6.59 3.58
N ASN A 130 -15.98 -5.90 3.80
CA ASN A 130 -14.81 -6.20 2.97
C ASN A 130 -14.12 -7.51 3.37
N HIS A 131 -14.46 -8.07 4.55
CA HIS A 131 -13.81 -9.29 4.99
C HIS A 131 -14.02 -10.41 3.99
N GLU A 132 -15.21 -10.48 3.40
CA GLU A 132 -15.48 -11.58 2.48
C GLU A 132 -14.52 -11.57 1.28
N SER A 133 -14.37 -10.41 0.66
CA SER A 133 -13.52 -10.30 -0.51
C SER A 133 -12.03 -10.48 -0.17
N ILE A 134 -11.60 -9.87 0.93
CA ILE A 134 -10.21 -10.02 1.38
C ILE A 134 -9.85 -11.49 1.46
N PHE A 135 -10.67 -12.27 2.14
CA PHE A 135 -10.30 -13.64 2.33
C PHE A 135 -10.56 -14.48 1.10
N ALA A 136 -11.53 -14.10 0.26
CA ALA A 136 -11.70 -14.80 -1.01
C ALA A 136 -10.45 -14.68 -1.86
N LYS A 137 -9.88 -13.48 -1.90
CA LYS A 137 -8.65 -13.26 -2.69
C LYS A 137 -7.50 -14.13 -2.15
N ALA A 138 -7.52 -14.39 -0.84
CA ALA A 138 -6.50 -15.20 -0.17
C ALA A 138 -6.80 -16.70 -0.22
N GLY A 139 -7.88 -17.09 -0.90
CA GLY A 139 -8.19 -18.50 -1.15
C GLY A 139 -9.12 -19.13 -0.14
N MET A 140 -9.81 -18.30 0.63
CA MET A 140 -10.70 -18.85 1.66
C MET A 140 -12.11 -18.32 1.58
N GLU A 141 -13.06 -19.23 1.75
CA GLU A 141 -14.47 -18.90 1.86
C GLU A 141 -14.86 -18.47 3.28
N LEU A 142 -15.34 -17.24 3.41
CA LEU A 142 -15.87 -16.77 4.69
C LEU A 142 -17.24 -17.37 4.96
N THR A 143 -17.38 -18.01 6.11
CA THR A 143 -18.61 -18.71 6.46
CA THR A 143 -18.62 -18.69 6.45
C THR A 143 -19.09 -18.24 7.84
N PRO A 144 -20.40 -18.10 8.02
CA PRO A 144 -20.82 -17.46 9.28
C PRO A 144 -20.87 -18.32 10.54
N TYR A 145 -20.71 -17.65 11.70
CA TYR A 145 -21.15 -18.19 12.99
C TYR A 145 -22.17 -17.25 13.60
N SER A 146 -23.10 -17.81 14.37
CA SER A 146 -24.10 -17.02 15.06
C SER A 146 -23.43 -15.96 15.93
N TYR A 147 -23.96 -14.75 15.89
CA TYR A 147 -23.33 -13.65 16.61
C TYR A 147 -24.34 -12.58 16.94
N TYR A 148 -24.94 -11.98 15.91
CA TYR A 148 -25.89 -10.88 16.15
C TYR A 148 -27.33 -11.37 16.31
N ASP A 149 -28.01 -10.84 17.32
CA ASP A 149 -29.40 -11.15 17.61
C ASP A 149 -30.27 -9.98 17.21
N PRO A 150 -31.02 -10.10 16.10
CA PRO A 150 -31.77 -8.93 15.61
C PRO A 150 -32.96 -8.56 16.52
N ALA A 151 -33.44 -9.50 17.33
CA ALA A 151 -34.56 -9.22 18.22
C ALA A 151 -34.12 -8.25 19.33
N THR A 152 -32.87 -8.40 19.77
CA THR A 152 -32.34 -7.58 20.86
C THR A 152 -31.34 -6.53 20.41
N LYS A 153 -30.95 -6.60 19.13
CA LYS A 153 -29.84 -5.81 18.59
C LYS A 153 -28.61 -5.98 19.48
N GLY A 154 -28.40 -7.21 19.95
CA GLY A 154 -27.32 -7.54 20.87
C GLY A 154 -26.70 -8.87 20.53
N LEU A 155 -26.01 -9.47 21.50
CA LEU A 155 -25.23 -10.69 21.26
C LEU A 155 -26.03 -11.98 21.40
N ASN A 156 -25.72 -12.95 20.54
CA ASN A 156 -26.23 -14.31 20.71
C ASN A 156 -25.06 -15.20 21.11
N LEU A 157 -24.68 -15.14 22.39
CA LEU A 157 -23.52 -15.89 22.87
C LEU A 157 -23.71 -17.41 22.78
N ALA A 158 -24.85 -17.94 23.22
CA ALA A 158 -25.08 -19.39 23.17
C ALA A 158 -24.89 -19.89 21.72
N GLY A 159 -25.39 -19.11 20.77
CA GLY A 159 -25.29 -19.45 19.37
C GLY A 159 -23.85 -19.42 18.88
N MET A 160 -23.14 -18.37 19.25
CA MET A 160 -21.71 -18.25 18.93
C MET A 160 -20.92 -19.45 19.44
N LEU A 161 -21.11 -19.76 20.73
CA LEU A 161 -20.38 -20.85 21.36
C LEU A 161 -20.69 -22.19 20.67
N GLU A 162 -21.96 -22.44 20.33
CA GLU A 162 -22.32 -23.71 19.70
CA GLU A 162 -22.30 -23.72 19.72
C GLU A 162 -21.73 -23.81 18.30
N CYS A 163 -21.74 -22.71 17.57
CA CYS A 163 -21.16 -22.70 16.23
C CYS A 163 -19.68 -23.00 16.29
N LEU A 164 -18.97 -22.37 17.24
CA LEU A 164 -17.53 -22.60 17.37
C LEU A 164 -17.26 -24.02 17.80
N ASP A 165 -18.11 -24.57 18.67
CA ASP A 165 -17.90 -25.94 19.12
C ASP A 165 -18.08 -26.94 17.98
N LYS A 166 -19.00 -26.65 17.07
CA LYS A 166 -19.37 -27.61 16.00
C LYS A 166 -18.49 -27.47 14.75
N ALA A 167 -17.82 -26.33 14.59
CA ALA A 167 -16.89 -26.12 13.48
C ALA A 167 -15.81 -27.19 13.52
N PRO A 168 -15.36 -27.66 12.35
CA PRO A 168 -14.29 -28.66 12.35
C PRO A 168 -13.07 -28.22 13.16
N GLU A 169 -12.46 -29.14 13.89
CA GLU A 169 -11.20 -28.86 14.57
C GLU A 169 -10.22 -28.21 13.60
N GLY A 170 -9.50 -27.21 14.08
CA GLY A 170 -8.52 -26.50 13.28
C GLY A 170 -9.12 -25.51 12.31
N SER A 171 -10.29 -24.97 12.66
CA SER A 171 -10.87 -23.92 11.82
C SER A 171 -10.23 -22.56 12.14
N VAL A 172 -10.11 -21.71 11.13
CA VAL A 172 -9.69 -20.33 11.37
C VAL A 172 -10.93 -19.52 11.79
N ILE A 173 -10.84 -18.79 12.90
CA ILE A 173 -12.00 -18.09 13.45
C ILE A 173 -11.70 -16.60 13.52
N LEU A 174 -12.39 -15.83 12.70
CA LEU A 174 -12.26 -14.37 12.66
C LEU A 174 -13.10 -13.72 13.76
N VAL A 175 -12.49 -12.90 14.61
CA VAL A 175 -13.25 -12.20 15.67
C VAL A 175 -12.85 -10.73 15.69
N HIS A 176 -13.81 -9.86 16.00
CA HIS A 176 -13.50 -8.42 16.15
C HIS A 176 -13.08 -8.18 17.61
N ALA A 177 -11.96 -7.52 17.87
CA ALA A 177 -11.47 -7.36 19.24
C ALA A 177 -12.42 -6.54 20.12
N CYS A 178 -13.01 -5.52 19.51
CA CYS A 178 -13.94 -4.58 20.16
C CYS A 178 -14.48 -3.64 19.12
N ALA A 179 -15.54 -2.91 19.49
CA ALA A 179 -16.29 -2.10 18.55
C ALA A 179 -16.58 -2.86 17.25
N HIS A 180 -17.28 -3.99 17.41
CA HIS A 180 -17.71 -4.76 16.25
C HIS A 180 -18.33 -3.84 15.17
N ASN A 181 -17.85 -3.99 13.95
CA ASN A 181 -18.35 -3.24 12.80
C ASN A 181 -19.08 -4.25 11.93
N PRO A 182 -20.38 -4.04 11.68
CA PRO A 182 -21.18 -2.81 11.75
C PRO A 182 -22.16 -2.66 12.92
N THR A 183 -22.22 -3.59 13.87
CA THR A 183 -23.34 -3.59 14.82
C THR A 183 -23.04 -2.86 16.12
N GLY A 184 -21.77 -2.73 16.49
CA GLY A 184 -21.42 -2.19 17.79
C GLY A 184 -21.58 -3.20 18.92
N VAL A 185 -22.06 -4.40 18.60
CA VAL A 185 -22.31 -5.41 19.65
C VAL A 185 -21.02 -6.14 20.04
N ASP A 186 -20.57 -5.99 21.28
CA ASP A 186 -19.32 -6.62 21.77
C ASP A 186 -19.62 -7.60 22.91
N PRO A 187 -19.00 -8.78 22.88
CA PRO A 187 -19.03 -9.63 24.09
C PRO A 187 -18.28 -8.96 25.23
N THR A 188 -18.68 -9.28 26.47
CA THR A 188 -17.95 -8.83 27.67
C THR A 188 -16.69 -9.66 27.82
N HIS A 189 -15.81 -9.26 28.74
CA HIS A 189 -14.65 -10.10 29.01
C HIS A 189 -15.04 -11.48 29.54
N ASP A 190 -16.08 -11.56 30.38
CA ASP A 190 -16.66 -12.86 30.79
C ASP A 190 -17.02 -13.69 29.57
N ASP A 191 -17.71 -13.09 28.60
CA ASP A 191 -18.15 -13.82 27.41
C ASP A 191 -16.95 -14.29 26.61
N TRP A 192 -15.98 -13.40 26.45
CA TRP A 192 -14.78 -13.77 25.69
C TRP A 192 -14.03 -14.92 26.36
N ARG A 193 -14.05 -14.98 27.69
CA ARG A 193 -13.38 -16.08 28.36
CA ARG A 193 -13.37 -16.07 28.36
C ARG A 193 -14.02 -17.39 27.94
N GLN A 194 -15.35 -17.40 27.80
CA GLN A 194 -15.99 -18.64 27.32
C GLN A 194 -15.62 -18.95 25.87
N VAL A 195 -15.61 -17.92 25.02
CA VAL A 195 -15.28 -18.06 23.59
C VAL A 195 -13.87 -18.63 23.40
N CYS A 196 -12.92 -18.08 24.14
CA CYS A 196 -11.54 -18.51 24.02
C CYS A 196 -11.35 -19.94 24.51
N ASP A 197 -12.12 -20.36 25.52
CA ASP A 197 -12.03 -21.75 25.96
C ASP A 197 -12.44 -22.71 24.83
N VAL A 198 -13.45 -22.33 24.06
CA VAL A 198 -13.89 -23.19 22.97
C VAL A 198 -12.82 -23.23 21.88
N ILE A 199 -12.30 -22.05 21.53
CA ILE A 199 -11.25 -21.94 20.51
C ILE A 199 -10.06 -22.83 20.89
N LYS A 200 -9.64 -22.78 22.15
CA LYS A 200 -8.51 -23.62 22.58
C LYS A 200 -8.84 -25.11 22.48
N ARG A 201 -10.00 -25.50 23.00
CA ARG A 201 -10.39 -26.91 23.04
C ARG A 201 -10.56 -27.54 21.65
N ARG A 202 -11.08 -26.75 20.72
CA ARG A 202 -11.30 -27.24 19.36
C ARG A 202 -10.06 -27.06 18.47
N ASN A 203 -8.97 -26.60 19.07
CA ASN A 203 -7.71 -26.34 18.34
C ASN A 203 -7.91 -25.43 17.14
N HIS A 204 -8.79 -24.42 17.32
CA HIS A 204 -9.03 -23.42 16.30
C HIS A 204 -7.90 -22.39 16.25
N ILE A 205 -7.81 -21.69 15.13
CA ILE A 205 -6.79 -20.66 14.93
C ILE A 205 -7.48 -19.30 14.93
N PRO A 206 -7.31 -18.52 16.01
CA PRO A 206 -7.98 -17.21 16.10
C PRO A 206 -7.30 -16.16 15.23
N PHE A 207 -8.12 -15.44 14.44
CA PHE A 207 -7.65 -14.30 13.62
C PHE A 207 -8.39 -13.08 14.16
N VAL A 208 -7.68 -12.27 14.93
CA VAL A 208 -8.26 -11.09 15.60
C VAL A 208 -8.15 -9.86 14.71
N ASP A 209 -9.29 -9.29 14.35
CA ASP A 209 -9.31 -7.99 13.69
C ASP A 209 -9.46 -6.94 14.80
N MET A 210 -8.37 -6.23 15.09
CA MET A 210 -8.36 -5.20 16.13
C MET A 210 -8.21 -3.83 15.49
N ALA A 211 -9.33 -3.27 15.06
CA ALA A 211 -9.29 -2.01 14.31
C ALA A 211 -9.47 -0.80 15.21
N TYR A 212 -9.85 -0.99 16.48
CA TYR A 212 -10.24 0.15 17.32
C TYR A 212 -9.67 0.08 18.74
N GLN A 213 -8.47 -0.43 18.90
CA GLN A 213 -7.85 -0.45 20.25
C GLN A 213 -7.76 0.96 20.84
N GLY A 214 -8.30 1.16 22.04
CA GLY A 214 -8.25 2.48 22.67
C GLY A 214 -9.34 3.42 22.18
N PHE A 215 -9.57 3.43 20.86
CA PHE A 215 -10.70 4.17 20.29
C PHE A 215 -12.04 3.66 20.84
N ALA A 216 -12.16 2.35 20.96
CA ALA A 216 -13.45 1.77 21.36
C ALA A 216 -13.97 2.25 22.71
N THR A 217 -13.14 2.17 23.76
CA THR A 217 -13.62 2.48 25.10
C THR A 217 -12.76 3.50 25.84
N GLY A 218 -11.66 3.90 25.20
CA GLY A 218 -10.72 4.85 25.79
C GLY A 218 -9.69 4.17 26.66
N GLN A 219 -9.75 2.84 26.72
CA GLN A 219 -8.89 2.07 27.61
C GLN A 219 -8.08 1.08 26.77
N LEU A 220 -6.80 1.37 26.54
CA LEU A 220 -5.99 0.54 25.64
C LEU A 220 -5.83 -0.91 26.08
N ASP A 221 -5.62 -1.15 27.39
CA ASP A 221 -5.42 -2.52 27.87
C ASP A 221 -6.72 -3.32 27.77
N TYR A 222 -7.80 -2.73 28.25
CA TYR A 222 -9.11 -3.37 28.21
C TYR A 222 -9.46 -3.74 26.75
N ASP A 223 -9.21 -2.83 25.82
CA ASP A 223 -9.63 -3.07 24.45
C ASP A 223 -8.77 -4.13 23.78
N ALA A 224 -7.58 -4.39 24.31
CA ALA A 224 -6.74 -5.45 23.72
C ALA A 224 -6.87 -6.79 24.47
N PHE A 225 -7.92 -6.92 25.29
CA PHE A 225 -8.11 -8.15 26.05
C PHE A 225 -8.10 -9.41 25.17
N VAL A 226 -8.80 -9.37 24.05
CA VAL A 226 -8.94 -10.60 23.26
C VAL A 226 -7.60 -11.15 22.72
N PRO A 227 -6.75 -10.31 22.08
CA PRO A 227 -5.45 -10.90 21.66
C PRO A 227 -4.52 -11.22 22.84
N ARG A 228 -4.55 -10.40 23.88
CA ARG A 228 -3.69 -10.69 25.02
C ARG A 228 -4.10 -11.98 25.74
N HIS A 229 -5.40 -12.23 25.80
CA HIS A 229 -5.88 -13.43 26.49
C HIS A 229 -5.57 -14.68 25.64
N LEU A 230 -5.71 -14.56 24.32
CA LEU A 230 -5.53 -15.72 23.44
C LEU A 230 -4.07 -16.08 23.24
N VAL A 231 -3.17 -15.11 23.34
CA VAL A 231 -1.80 -15.38 22.86
C VAL A 231 -1.12 -16.47 23.72
N ASP A 232 -1.59 -16.68 24.96
CA ASP A 232 -1.06 -17.75 25.81
C ASP A 232 -1.83 -19.08 25.72
N MET A 233 -2.92 -19.11 24.98
CA MET A 233 -3.83 -20.25 25.00
C MET A 233 -3.72 -21.17 23.79
N VAL A 234 -3.20 -20.62 22.70
CA VAL A 234 -3.15 -21.34 21.43
C VAL A 234 -1.75 -21.24 20.83
N PRO A 235 -1.36 -22.23 20.00
CA PRO A 235 -0.07 -22.27 19.30
C PRO A 235 0.13 -21.08 18.36
N ASN A 236 -0.90 -20.74 17.58
CA ASN A 236 -0.81 -19.61 16.66
C ASN A 236 -2.02 -18.71 16.78
N LEU A 237 -1.76 -17.42 17.02
CA LEU A 237 -2.74 -16.34 16.98
C LEU A 237 -2.35 -15.30 15.92
N ILE A 238 -3.31 -14.82 15.14
CA ILE A 238 -3.06 -13.75 14.16
C ILE A 238 -3.77 -12.50 14.63
N VAL A 239 -3.12 -11.34 14.53
CA VAL A 239 -3.76 -10.08 14.87
C VAL A 239 -3.54 -9.06 13.75
N ALA A 240 -4.64 -8.50 13.22
CA ALA A 240 -4.58 -7.41 12.25
C ALA A 240 -4.88 -6.13 13.02
N GLN A 241 -3.89 -5.24 13.07
CA GLN A 241 -3.97 -4.06 13.93
C GLN A 241 -4.01 -2.78 13.09
N SER A 242 -5.08 -1.99 13.24
CA SER A 242 -5.23 -0.74 12.51
C SER A 242 -4.90 0.49 13.36
N PHE A 243 -4.18 1.44 12.76
CA PHE A 243 -3.94 2.73 13.40
C PHE A 243 -4.77 3.84 12.79
N SER A 244 -5.74 3.46 11.95
CA SER A 244 -6.55 4.46 11.26
C SER A 244 -7.43 5.25 12.19
N ALA A 245 -8.25 4.56 12.98
CA ALA A 245 -9.15 5.32 13.86
C ALA A 245 -8.43 5.84 15.12
N ASN A 246 -7.61 5.02 15.76
CA ASN A 246 -7.10 5.43 17.07
C ASN A 246 -6.01 6.49 17.00
N PHE A 247 -5.41 6.68 15.82
CA PHE A 247 -4.52 7.85 15.62
C PHE A 247 -5.08 8.85 14.61
N GLY A 248 -6.27 8.58 14.09
CA GLY A 248 -6.86 9.44 13.08
C GLY A 248 -6.04 9.46 11.78
N LEU A 249 -5.36 8.35 11.50
CA LEU A 249 -4.41 8.28 10.37
C LEU A 249 -4.98 7.60 9.14
N TYR A 250 -6.30 7.44 9.09
CA TYR A 250 -7.03 6.74 8.03
C TYR A 250 -6.34 6.68 6.66
N GLY A 251 -6.23 7.83 6.01
CA GLY A 251 -5.73 7.85 4.64
C GLY A 251 -4.24 7.65 4.50
N HIS A 252 -3.52 7.62 5.60
CA HIS A 252 -2.07 7.39 5.48
C HIS A 252 -1.70 5.88 5.44
N ARG A 253 -2.70 5.05 5.70
CA ARG A 253 -2.65 3.59 5.55
C ARG A 253 -1.61 2.94 6.44
N CYS A 254 -1.88 2.97 7.75
CA CYS A 254 -0.92 2.54 8.73
C CYS A 254 -1.53 1.44 9.59
N GLY A 255 -0.89 0.28 9.58
CA GLY A 255 -1.30 -0.83 10.46
C GLY A 255 -0.14 -1.80 10.68
N ALA A 256 -0.41 -2.87 11.44
CA ALA A 256 0.57 -3.94 11.61
C ALA A 256 -0.14 -5.29 11.68
N LEU A 257 0.62 -6.32 11.37
CA LEU A 257 0.20 -7.71 11.41
C LEU A 257 1.11 -8.47 12.36
N HIS A 258 0.52 -9.36 13.18
CA HIS A 258 1.29 -10.13 14.17
C HIS A 258 0.84 -11.58 14.09
N ILE A 259 1.79 -12.50 14.01
CA ILE A 259 1.48 -13.94 14.13
C ILE A 259 2.33 -14.58 15.20
N SER A 260 1.69 -15.13 16.23
CA SER A 260 2.46 -15.84 17.25
C SER A 260 2.78 -17.26 16.79
N THR A 261 3.91 -17.77 17.26
CA THR A 261 4.41 -19.08 16.89
C THR A 261 5.03 -19.75 18.09
N ALA A 262 5.50 -20.98 17.92
CA ALA A 262 6.09 -21.69 19.05
C ALA A 262 7.50 -21.22 19.43
N SER A 263 8.17 -20.47 18.58
CA SER A 263 9.58 -20.18 18.84
C SER A 263 10.09 -19.02 18.03
N ALA A 264 11.23 -18.46 18.43
CA ALA A 264 11.78 -17.36 17.64
C ALA A 264 12.17 -17.84 16.24
N GLU A 265 12.60 -19.10 16.11
CA GLU A 265 12.93 -19.65 14.80
C GLU A 265 11.70 -19.76 13.89
N GLU A 266 10.58 -20.19 14.45
CA GLU A 266 9.35 -20.22 13.67
C GLU A 266 8.94 -18.81 13.26
N ALA A 267 9.11 -17.84 14.15
CA ALA A 267 8.68 -16.49 13.84
C ALA A 267 9.52 -15.94 12.71
N LYS A 268 10.82 -16.22 12.75
CA LYS A 268 11.73 -15.73 11.71
C LYS A 268 11.37 -16.30 10.36
N ARG A 269 11.06 -17.60 10.31
CA ARG A 269 10.65 -18.20 9.05
C ARG A 269 9.37 -17.54 8.53
N LEU A 270 8.42 -17.20 9.42
CA LEU A 270 7.22 -16.53 8.95
C LEU A 270 7.51 -15.08 8.49
N VAL A 271 8.43 -14.39 9.15
CA VAL A 271 8.73 -13.00 8.71
C VAL A 271 9.33 -13.04 7.30
N SER A 272 10.18 -14.03 7.02
CA SER A 272 10.70 -14.15 5.67
C SER A 272 9.59 -14.40 4.66
N GLN A 273 8.61 -15.19 5.06
CA GLN A 273 7.50 -15.48 4.17
CA GLN A 273 7.49 -15.49 4.18
C GLN A 273 6.60 -14.26 3.99
N LEU A 274 6.50 -13.43 5.04
CA LEU A 274 5.78 -12.15 4.93
C LEU A 274 6.44 -11.28 3.87
N ALA A 275 7.77 -11.20 3.93
CA ALA A 275 8.49 -10.43 2.92
C ALA A 275 8.17 -10.91 1.49
N LEU A 276 8.09 -12.24 1.28
CA LEU A 276 7.79 -12.75 -0.06
C LEU A 276 6.37 -12.42 -0.53
N LEU A 277 5.49 -12.09 0.42
CA LEU A 277 4.12 -11.69 0.06
C LEU A 277 4.04 -10.19 -0.21
N ILE A 278 4.74 -9.42 0.61
CA ILE A 278 4.73 -7.96 0.50
C ILE A 278 5.42 -7.46 -0.77
N ARG A 279 6.63 -7.97 -1.04
CA ARG A 279 7.43 -7.41 -2.11
C ARG A 279 6.71 -7.41 -3.49
N PRO A 280 6.08 -8.54 -3.88
CA PRO A 280 5.37 -8.53 -5.17
C PRO A 280 3.95 -7.96 -5.11
N MET A 281 3.54 -7.39 -3.97
CA MET A 281 2.26 -6.70 -3.91
C MET A 281 2.45 -5.17 -3.95
N TYR A 282 3.36 -4.63 -3.14
CA TYR A 282 3.56 -3.16 -3.09
C TYR A 282 5.00 -2.79 -2.70
N SER A 283 5.89 -3.78 -2.67
CA SER A 283 7.34 -3.59 -2.44
C SER A 283 7.70 -3.27 -0.98
N ASN A 284 7.13 -2.18 -0.44
CA ASN A 284 7.41 -1.75 0.92
C ASN A 284 6.39 -0.67 1.32
N PRO A 285 6.16 -0.48 2.63
CA PRO A 285 5.00 0.30 3.08
C PRO A 285 5.28 1.80 3.22
N PRO A 286 4.22 2.62 3.25
CA PRO A 286 4.33 4.07 3.32
C PRO A 286 4.85 4.54 4.67
N LEU A 287 5.79 5.47 4.59
CA LEU A 287 6.49 6.00 5.76
C LEU A 287 5.66 6.78 6.77
N TYR A 288 4.72 7.61 6.30
CA TYR A 288 4.22 8.72 7.12
C TYR A 288 3.56 8.25 8.41
N GLY A 289 2.64 7.29 8.28
CA GLY A 289 1.92 6.77 9.44
C GLY A 289 2.88 6.16 10.45
N ALA A 290 3.84 5.38 9.96
CA ALA A 290 4.81 4.70 10.80
C ALA A 290 5.69 5.68 11.56
N TRP A 291 6.10 6.77 10.91
CA TRP A 291 6.83 7.82 11.57
C TRP A 291 6.07 8.39 12.76
N VAL A 292 4.82 8.69 12.50
CA VAL A 292 3.94 9.35 13.47
C VAL A 292 3.69 8.45 14.69
N VAL A 293 3.35 7.18 14.43
CA VAL A 293 3.01 6.28 15.52
C VAL A 293 4.27 5.97 16.33
N SER A 294 5.40 5.75 15.64
CA SER A 294 6.64 5.44 16.34
C SER A 294 7.10 6.61 17.22
N SER A 295 6.96 7.82 16.69
CA SER A 295 7.33 9.04 17.39
C SER A 295 6.48 9.22 18.65
N ILE A 296 5.19 8.99 18.52
CA ILE A 296 4.30 9.19 19.65
C ILE A 296 4.56 8.14 20.72
N LEU A 297 4.67 6.88 20.33
CA LEU A 297 4.74 5.80 21.32
C LEU A 297 6.09 5.76 22.04
N LYS A 298 7.13 6.33 21.42
CA LYS A 298 8.42 6.39 22.10
C LYS A 298 8.61 7.64 22.97
N ASP A 299 7.63 8.52 22.99
CA ASP A 299 7.75 9.74 23.76
C ASP A 299 6.69 9.77 24.88
N PRO A 300 7.13 9.74 26.15
CA PRO A 300 6.17 9.71 27.28
C PRO A 300 5.14 10.85 27.22
N GLN A 301 5.58 12.07 26.92
CA GLN A 301 4.64 13.18 26.85
C GLN A 301 3.60 13.01 25.73
N LEU A 302 4.04 12.57 24.56
CA LEU A 302 3.14 12.41 23.43
C LEU A 302 2.20 11.26 23.70
N THR A 303 2.73 10.23 24.36
CA THR A 303 1.95 9.03 24.67
C THR A 303 0.83 9.38 25.66
N ALA A 304 1.18 10.17 26.66
CA ALA A 304 0.19 10.65 27.62
C ALA A 304 -0.89 11.49 26.93
N LEU A 305 -0.47 12.34 26.00
CA LEU A 305 -1.39 13.19 25.26
C LEU A 305 -2.33 12.35 24.42
N TRP A 306 -1.75 11.40 23.69
CA TRP A 306 -2.54 10.46 22.91
C TRP A 306 -3.62 9.77 23.75
N LYS A 307 -3.24 9.27 24.92
CA LYS A 307 -4.21 8.59 25.79
C LYS A 307 -5.37 9.51 26.20
N LYS A 308 -5.06 10.78 26.45
CA LYS A 308 -6.10 11.76 26.78
C LYS A 308 -7.04 11.95 25.58
N GLU A 309 -6.47 12.03 24.39
CA GLU A 309 -7.27 12.23 23.19
C GLU A 309 -8.11 11.01 22.84
N LEU A 310 -7.57 9.81 23.09
CA LEU A 310 -8.36 8.57 22.92
C LEU A 310 -9.64 8.63 23.72
N LYS A 311 -9.49 9.05 24.98
CA LYS A 311 -10.63 9.13 25.88
C LYS A 311 -11.60 10.22 25.42
N GLN A 312 -11.09 11.33 24.88
CA GLN A 312 -12.00 12.35 24.35
C GLN A 312 -12.87 11.80 23.22
N MET A 313 -12.26 11.06 22.28
CA MET A 313 -13.01 10.48 21.17
C MET A 313 -14.04 9.43 21.66
N SER A 314 -13.58 8.52 22.50
CA SER A 314 -14.44 7.41 22.95
C SER A 314 -15.57 7.95 23.82
N SER A 315 -15.27 8.95 24.66
CA SER A 315 -16.30 9.55 25.51
CA SER A 315 -16.32 9.50 25.51
C SER A 315 -17.35 10.28 24.69
N ARG A 316 -16.93 10.93 23.61
CA ARG A 316 -17.92 11.67 22.81
C ARG A 316 -18.88 10.72 22.13
N ILE A 317 -18.35 9.61 21.61
CA ILE A 317 -19.17 8.60 20.97
C ILE A 317 -20.12 7.96 21.99
N ALA A 318 -19.60 7.58 23.15
CA ALA A 318 -20.45 7.02 24.20
C ALA A 318 -21.54 8.00 24.64
N GLU A 319 -21.19 9.27 24.78
CA GLU A 319 -22.13 10.26 25.30
C GLU A 319 -23.21 10.57 24.27
N VAL A 320 -22.87 10.57 22.98
CA VAL A 320 -23.90 10.88 22.00
C VAL A 320 -24.87 9.71 21.82
N ARG A 321 -24.39 8.48 21.99
CA ARG A 321 -25.28 7.31 22.09
C ARG A 321 -26.29 7.48 23.25
N LYS A 322 -25.75 7.87 24.41
CA LYS A 322 -26.58 8.03 25.61
C LYS A 322 -27.60 9.15 25.42
N ARG A 323 -27.16 10.22 24.77
CA ARG A 323 -28.02 11.37 24.49
C ARG A 323 -29.13 11.01 23.49
N LEU A 324 -28.80 10.24 22.46
CA LEU A 324 -29.81 9.75 21.52
C LEU A 324 -30.93 9.01 22.26
N VAL A 325 -30.54 8.12 23.15
CA VAL A 325 -31.54 7.35 23.90
C VAL A 325 -32.39 8.23 24.82
N SER A 326 -31.74 9.17 25.51
CA SER A 326 -32.45 10.08 26.40
CA SER A 326 -32.50 10.04 26.41
C SER A 326 -33.41 10.98 25.64
N GLU A 327 -32.96 11.49 24.49
CA GLU A 327 -33.80 12.37 23.67
C GLU A 327 -34.97 11.59 23.06
N LEU A 328 -34.74 10.32 22.71
CA LEU A 328 -35.83 9.50 22.20
C LEU A 328 -36.93 9.35 23.27
N LYS A 329 -36.52 9.12 24.51
CA LYS A 329 -37.48 9.03 25.61
C LYS A 329 -38.21 10.37 25.82
N ALA A 330 -37.46 11.46 25.75
CA ALA A 330 -38.05 12.80 25.90
C ALA A 330 -39.06 13.12 24.79
N CYS A 331 -38.81 12.61 23.60
CA CYS A 331 -39.73 12.75 22.45
C CYS A 331 -41.03 11.98 22.63
N GLY A 332 -41.03 11.00 23.54
CA GLY A 332 -42.20 10.19 23.79
C GLY A 332 -42.14 8.79 23.18
N SER A 333 -40.97 8.37 22.71
CA SER A 333 -40.86 7.02 22.16
C SER A 333 -41.08 5.99 23.25
N VAL A 334 -41.96 5.03 22.98
CA VAL A 334 -42.22 3.99 23.96
C VAL A 334 -41.41 2.72 23.67
N HIS A 335 -40.60 2.75 22.60
CA HIS A 335 -39.80 1.58 22.24
C HIS A 335 -38.52 1.54 23.05
N ASP A 336 -37.89 0.37 23.09
CA ASP A 336 -36.67 0.23 23.87
C ASP A 336 -35.45 0.56 23.01
N TRP A 337 -34.62 1.49 23.49
CA TRP A 337 -33.41 1.86 22.73
C TRP A 337 -32.13 1.56 23.52
N SER A 338 -32.22 0.72 24.53
CA SER A 338 -31.06 0.47 25.37
C SER A 338 -29.87 -0.15 24.62
N HIS A 339 -30.14 -0.81 23.50
CA HIS A 339 -29.04 -1.36 22.69
C HIS A 339 -28.09 -0.28 22.21
N ILE A 340 -28.63 0.94 22.00
CA ILE A 340 -27.78 2.04 21.50
C ILE A 340 -26.67 2.40 22.52
N GLU A 341 -26.98 2.26 23.83
CA GLU A 341 -25.99 2.50 24.90
C GLU A 341 -25.13 1.28 25.20
N ARG A 342 -25.66 0.08 24.95
CA ARG A 342 -24.94 -1.16 25.23
C ARG A 342 -23.87 -1.39 24.17
N GLN A 343 -24.21 -0.99 22.95
CA GLN A 343 -23.25 -1.07 21.83
C GLN A 343 -22.05 -0.13 22.03
N VAL A 344 -20.92 -0.49 21.40
CA VAL A 344 -19.66 0.23 21.57
C VAL A 344 -19.09 0.67 20.22
N GLY A 345 -18.70 1.94 20.14
CA GLY A 345 -17.97 2.42 18.97
C GLY A 345 -18.82 3.23 18.00
N MET A 346 -18.22 3.53 16.84
CA MET A 346 -18.82 4.46 15.88
C MET A 346 -20.02 3.93 15.14
N MET A 347 -20.16 2.60 15.06
CA MET A 347 -21.25 2.01 14.28
C MET A 347 -22.29 1.38 15.16
N ALA A 348 -23.56 1.70 14.88
CA ALA A 348 -24.65 1.15 15.68
C ALA A 348 -25.68 0.46 14.81
N TYR A 349 -26.04 -0.78 15.14
CA TYR A 349 -27.21 -1.35 14.48
C TYR A 349 -28.42 -0.85 15.26
N THR A 350 -29.20 0.02 14.62
CA THR A 350 -30.29 0.72 15.28
C THR A 350 -31.54 -0.15 15.46
N GLY A 351 -31.72 -1.12 14.57
CA GLY A 351 -32.94 -1.91 14.52
C GLY A 351 -34.02 -1.24 13.69
N LEU A 352 -33.69 -0.12 13.04
CA LEU A 352 -34.66 0.49 12.13
C LEU A 352 -34.85 -0.45 10.96
N THR A 353 -36.09 -0.59 10.50
CA THR A 353 -36.38 -1.46 9.36
C THR A 353 -36.02 -0.75 8.06
N ARG A 354 -35.96 -1.51 6.96
CA ARG A 354 -35.64 -0.94 5.65
C ARG A 354 -36.61 0.19 5.31
N GLU A 355 -37.91 -0.06 5.51
CA GLU A 355 -38.94 0.98 5.33
C GLU A 355 -38.62 2.24 6.14
N GLN A 356 -38.24 2.08 7.41
CA GLN A 356 -37.97 3.22 8.28
C GLN A 356 -36.71 3.98 7.88
N VAL A 357 -35.69 3.27 7.41
CA VAL A 357 -34.48 3.92 6.91
C VAL A 357 -34.83 4.74 5.66
N GLU A 358 -35.66 4.16 4.80
CA GLU A 358 -36.06 4.83 3.56
C GLU A 358 -36.88 6.09 3.84
N LEU A 359 -37.70 6.05 4.88
CA LEU A 359 -38.47 7.23 5.29
C LEU A 359 -37.60 8.32 5.89
N LEU A 360 -36.58 7.93 6.66
CA LEU A 360 -35.69 8.91 7.27
C LEU A 360 -34.97 9.70 6.19
N ARG A 361 -34.66 9.01 5.10
CA ARG A 361 -33.99 9.65 3.95
C ARG A 361 -34.96 10.56 3.19
N SER A 362 -36.08 9.99 2.74
CA SER A 362 -37.06 10.75 1.95
C SER A 362 -37.71 11.91 2.71
N GLU A 363 -38.16 11.65 3.94
CA GLU A 363 -38.88 12.65 4.72
C GLU A 363 -37.97 13.58 5.55
N TYR A 364 -36.82 13.10 5.99
CA TYR A 364 -35.99 13.89 6.92
C TYR A 364 -34.59 14.14 6.41
N HIS A 365 -34.23 13.53 5.28
CA HIS A 365 -32.91 13.71 4.66
C HIS A 365 -31.80 13.29 5.63
N ILE A 366 -32.11 12.26 6.41
CA ILE A 366 -31.12 11.58 7.25
C ILE A 366 -30.67 10.32 6.51
N TYR A 367 -29.36 10.23 6.25
CA TYR A 367 -28.83 9.15 5.44
C TYR A 367 -28.11 8.08 6.25
N MET A 368 -28.60 6.85 6.17
CA MET A 368 -27.92 5.70 6.74
C MET A 368 -28.18 4.52 5.81
N THR A 369 -27.38 3.46 5.92
CA THR A 369 -27.53 2.32 5.02
C THR A 369 -28.78 1.53 5.39
N LEU A 370 -29.31 0.79 4.42
CA LEU A 370 -30.62 0.14 4.54
C LEU A 370 -30.69 -0.96 5.60
N ASN A 371 -29.54 -1.38 6.11
CA ASN A 371 -29.52 -2.37 7.18
C ASN A 371 -29.75 -1.73 8.54
N GLY A 372 -29.97 -0.42 8.58
CA GLY A 372 -30.21 0.25 9.85
C GLY A 372 -28.92 0.58 10.60
N ARG A 373 -27.77 0.45 9.94
CA ARG A 373 -26.51 0.85 10.56
C ARG A 373 -26.41 2.36 10.57
N ALA A 374 -26.17 2.94 11.74
CA ALA A 374 -25.95 4.38 11.83
C ALA A 374 -24.52 4.60 12.29
N ALA A 375 -23.82 5.49 11.59
CA ALA A 375 -22.50 5.93 12.02
C ALA A 375 -22.72 7.05 13.00
N VAL A 376 -22.50 6.79 14.29
CA VAL A 376 -22.87 7.78 15.30
C VAL A 376 -21.85 8.93 15.38
N SER A 377 -20.68 8.76 14.79
CA SER A 377 -19.74 9.89 14.68
C SER A 377 -20.37 11.07 13.94
N GLY A 378 -21.40 10.81 13.14
CA GLY A 378 -22.08 11.88 12.42
C GLY A 378 -23.10 12.61 13.30
N LEU A 379 -23.37 12.04 14.46
CA LEU A 379 -24.26 12.65 15.47
C LEU A 379 -23.46 13.61 16.35
N ASN A 380 -24.07 14.75 16.70
CA ASN A 380 -23.41 15.68 17.59
C ASN A 380 -24.41 16.56 18.33
N SER A 381 -23.90 17.52 19.08
CA SER A 381 -24.76 18.41 19.85
C SER A 381 -25.74 19.19 18.96
N THR A 382 -25.38 19.48 17.72
CA THR A 382 -26.24 20.34 16.88
C THR A 382 -27.29 19.58 16.08
N ASN A 383 -27.24 18.26 16.04
CA ASN A 383 -28.23 17.52 15.25
C ASN A 383 -28.91 16.37 15.99
N VAL A 384 -28.49 16.09 17.21
CA VAL A 384 -28.97 14.89 17.90
C VAL A 384 -30.45 15.04 18.25
N GLU A 385 -30.90 16.26 18.48
CA GLU A 385 -32.30 16.47 18.80
C GLU A 385 -33.19 16.21 17.58
N TYR A 386 -32.74 16.70 16.43
CA TYR A 386 -33.47 16.56 15.16
C TYR A 386 -33.57 15.09 14.76
N VAL A 387 -32.45 14.37 14.87
CA VAL A 387 -32.40 12.97 14.49
C VAL A 387 -33.27 12.13 15.41
N SER A 388 -33.24 12.42 16.70
CA SER A 388 -34.09 11.71 17.66
C SER A 388 -35.58 11.89 17.32
N GLN A 389 -35.97 13.11 16.99
CA GLN A 389 -37.38 13.38 16.69
C GLN A 389 -37.77 12.61 15.44
N ALA A 390 -36.88 12.62 14.45
CA ALA A 390 -37.12 11.90 13.20
C ALA A 390 -37.25 10.38 13.44
N ILE A 391 -36.34 9.81 14.23
CA ILE A 391 -36.40 8.38 14.51
C ILE A 391 -37.67 8.02 15.30
N HIS A 392 -38.04 8.86 16.25
CA HIS A 392 -39.31 8.67 16.95
C HIS A 392 -40.50 8.73 15.97
N ASN A 393 -40.51 9.72 15.09
CA ASN A 393 -41.61 9.87 14.15
C ASN A 393 -41.79 8.68 13.20
N VAL A 394 -40.68 8.07 12.77
CA VAL A 394 -40.81 6.96 11.82
C VAL A 394 -41.01 5.63 12.51
N THR A 395 -40.85 5.58 13.83
CA THR A 395 -41.04 4.32 14.55
C THR A 395 -42.29 4.30 15.44
N LYS A 396 -42.87 5.45 15.75
CA LYS A 396 -43.98 5.50 16.71
C LYS A 396 -45.23 4.84 16.14
N GLY B 17 21.17 -7.13 2.35
CA GLY B 17 22.20 -8.14 2.20
C GLY B 17 23.56 -7.51 1.98
N LEU B 18 23.81 -7.02 0.78
CA LEU B 18 25.02 -6.27 0.47
C LEU B 18 25.10 -5.00 1.30
N GLY B 19 23.96 -4.32 1.41
CA GLY B 19 23.85 -3.09 2.18
C GLY B 19 24.20 -3.29 3.65
N GLN B 20 23.78 -4.43 4.20
CA GLN B 20 24.13 -4.78 5.57
C GLN B 20 25.64 -4.99 5.70
N ASP B 21 26.21 -5.77 4.77
CA ASP B 21 27.65 -6.03 4.76
C ASP B 21 28.44 -4.75 4.57
N PHE B 22 27.94 -3.87 3.70
CA PHE B 22 28.55 -2.56 3.51
C PHE B 22 28.59 -1.77 4.80
N ARG B 23 27.41 -1.62 5.41
CA ARG B 23 27.27 -0.86 6.66
C ARG B 23 28.13 -1.48 7.77
N MET B 24 28.21 -2.80 7.80
CA MET B 24 29.03 -3.52 8.79
C MET B 24 30.53 -3.42 8.52
N ASP B 25 30.91 -3.16 7.26
CA ASP B 25 32.31 -3.10 6.85
C ASP B 25 33.06 -1.98 7.58
N PRO B 26 34.04 -2.36 8.40
CA PRO B 26 34.84 -1.43 9.22
C PRO B 26 35.68 -0.46 8.38
N ALA B 27 36.02 -0.84 7.16
CA ALA B 27 36.90 -0.05 6.29
C ALA B 27 36.49 1.42 6.25
N LYS B 28 37.47 2.31 6.42
CA LYS B 28 37.18 3.74 6.51
C LYS B 28 36.81 4.26 5.14
N ARG B 29 37.45 3.71 4.12
CA ARG B 29 37.25 4.12 2.74
CA ARG B 29 37.21 4.12 2.74
C ARG B 29 36.48 3.02 1.99
N LYS B 30 35.16 3.18 1.88
CA LYS B 30 34.30 2.17 1.26
C LYS B 30 33.21 2.84 0.45
N VAL B 31 32.66 2.13 -0.54
CA VAL B 31 31.68 2.69 -1.47
C VAL B 31 30.54 1.70 -1.73
N ASN B 32 29.31 2.16 -1.56
CA ASN B 32 28.15 1.33 -1.81
C ASN B 32 27.54 1.62 -3.19
N LEU B 33 27.80 0.73 -4.15
CA LEU B 33 27.22 0.89 -5.47
C LEU B 33 26.11 -0.14 -5.67
N SER B 34 25.44 -0.53 -4.59
CA SER B 34 24.36 -1.52 -4.71
C SER B 34 23.00 -0.94 -4.35
N ILE B 35 22.95 0.37 -4.11
CA ILE B 35 21.73 1.05 -3.68
C ILE B 35 20.71 1.20 -4.82
N GLY B 36 19.47 1.53 -4.47
CA GLY B 36 18.44 1.57 -5.48
C GLY B 36 17.89 2.96 -5.73
N VAL B 37 18.43 3.95 -5.02
CA VAL B 37 17.79 5.24 -4.95
C VAL B 37 18.81 6.34 -5.28
N TYR B 38 18.30 7.50 -5.65
CA TYR B 38 19.15 8.63 -5.97
C TYR B 38 19.90 9.15 -4.73
N ARG B 39 21.10 9.66 -4.95
CA ARG B 39 21.88 10.35 -3.93
C ARG B 39 22.44 11.63 -4.58
N ASP B 40 22.61 12.68 -3.80
CA ASP B 40 23.23 13.88 -4.35
C ASP B 40 24.76 13.74 -4.40
N ASP B 41 25.48 14.81 -4.73
CA ASP B 41 26.92 14.67 -4.91
C ASP B 41 27.64 14.52 -3.57
N ALA B 42 26.91 14.75 -2.48
CA ALA B 42 27.46 14.63 -1.13
C ALA B 42 27.06 13.27 -0.54
N ASP B 43 26.56 12.40 -1.42
CA ASP B 43 26.13 11.05 -1.06
C ASP B 43 24.98 11.07 -0.02
N GLN B 44 24.12 12.06 -0.13
CA GLN B 44 22.98 12.19 0.78
C GLN B 44 21.66 11.92 0.08
N PRO B 45 20.66 11.38 0.82
CA PRO B 45 19.31 11.35 0.26
C PRO B 45 18.89 12.75 -0.12
N PHE B 46 18.10 12.89 -1.18
CA PHE B 46 17.79 14.20 -1.76
C PHE B 46 16.27 14.42 -1.83
N VAL B 47 15.76 15.33 -0.98
CA VAL B 47 14.36 15.73 -1.05
C VAL B 47 14.29 16.96 -1.97
N LEU B 48 13.48 16.89 -3.02
CA LEU B 48 13.41 17.98 -3.98
C LEU B 48 12.81 19.22 -3.33
N GLU B 49 13.30 20.40 -3.75
CA GLU B 49 12.74 21.65 -3.23
C GLU B 49 11.27 21.81 -3.61
N CYS B 50 10.88 21.34 -4.78
CA CYS B 50 9.50 21.47 -5.20
C CYS B 50 8.60 20.61 -4.30
N VAL B 51 9.16 19.51 -3.81
CA VAL B 51 8.42 18.66 -2.86
C VAL B 51 8.31 19.37 -1.49
N LYS B 52 9.40 19.98 -1.02
CA LYS B 52 9.34 20.76 0.23
C LYS B 52 8.34 21.91 0.12
N GLN B 53 8.18 22.45 -1.08
CA GLN B 53 7.35 23.64 -1.26
C GLN B 53 5.88 23.29 -1.55
N ALA B 54 5.60 21.99 -1.72
CA ALA B 54 4.26 21.52 -2.06
C ALA B 54 3.30 21.75 -0.90
N THR B 55 2.03 21.90 -1.22
CA THR B 55 0.99 22.09 -0.21
C THR B 55 0.30 20.78 0.08
N LEU B 56 0.34 20.33 1.33
CA LEU B 56 -0.33 19.08 1.69
C LEU B 56 -1.81 19.32 2.04
N GLY B 57 -2.61 18.27 1.91
CA GLY B 57 -4.00 18.31 2.33
C GLY B 57 -4.07 18.52 3.83
N THR B 58 -5.26 18.85 4.32
CA THR B 58 -5.43 19.12 5.73
C THR B 58 -6.20 17.95 6.38
N ASN B 59 -6.91 17.21 5.55
CA ASN B 59 -7.82 16.16 6.00
C ASN B 59 -7.20 14.78 5.79
N MET B 60 -7.16 13.97 6.85
CA MET B 60 -6.53 12.64 6.78
C MET B 60 -7.58 11.57 6.49
N ASP B 61 -8.79 11.99 6.10
CA ASP B 61 -9.82 11.05 5.68
C ASP B 61 -9.27 10.11 4.59
N TYR B 62 -9.86 8.92 4.47
CA TYR B 62 -9.53 8.02 3.37
C TYR B 62 -9.69 8.67 2.00
N ALA B 63 -8.74 8.40 1.12
CA ALA B 63 -8.92 8.68 -0.31
C ALA B 63 -9.94 7.72 -0.91
N PRO B 64 -10.51 8.07 -2.08
CA PRO B 64 -11.31 7.10 -2.84
C PRO B 64 -10.49 5.83 -3.10
N VAL B 65 -11.16 4.68 -3.26
CA VAL B 65 -10.47 3.42 -3.57
C VAL B 65 -9.47 3.57 -4.73
N THR B 66 -9.81 4.38 -5.73
CA THR B 66 -8.99 4.55 -6.93
C THR B 66 -8.03 5.73 -6.80
N GLY B 67 -8.03 6.37 -5.63
CA GLY B 67 -7.05 7.42 -5.35
C GLY B 67 -7.62 8.82 -5.37
N ILE B 68 -6.78 9.80 -5.01
CA ILE B 68 -7.19 11.21 -5.08
C ILE B 68 -7.38 11.60 -6.56
N ALA B 69 -8.59 12.05 -6.87
CA ALA B 69 -9.01 12.19 -8.26
C ALA B 69 -8.13 13.20 -9.00
N SER B 70 -7.80 14.29 -8.34
CA SER B 70 -6.91 15.29 -8.98
C SER B 70 -5.51 14.72 -9.27
N PHE B 71 -4.96 13.90 -8.36
CA PHE B 71 -3.66 13.26 -8.60
C PHE B 71 -3.76 12.33 -9.81
N VAL B 72 -4.82 11.54 -9.88
CA VAL B 72 -4.94 10.59 -11.00
C VAL B 72 -5.01 11.37 -12.33
N GLU B 73 -5.81 12.45 -12.33
CA GLU B 73 -5.92 13.31 -13.51
CA GLU B 73 -5.91 13.37 -13.46
C GLU B 73 -4.55 13.87 -13.93
N GLU B 74 -3.78 14.36 -12.96
CA GLU B 74 -2.45 14.89 -13.28
C GLU B 74 -1.49 13.80 -13.73
N ALA B 75 -1.59 12.62 -13.13
CA ALA B 75 -0.74 11.49 -13.54
C ALA B 75 -0.98 11.13 -15.00
N GLN B 76 -2.25 11.11 -15.39
CA GLN B 76 -2.64 10.80 -16.76
C GLN B 76 -2.02 11.79 -17.72
N LYS B 77 -2.19 13.08 -17.39
CA LYS B 77 -1.72 14.13 -18.29
C LYS B 77 -0.20 14.12 -18.39
N LEU B 78 0.47 13.84 -17.28
CA LEU B 78 1.94 13.79 -17.28
C LEU B 78 2.44 12.63 -18.15
N CYS B 79 1.78 11.49 -18.02
CA CYS B 79 2.16 10.31 -18.80
C CYS B 79 1.92 10.48 -20.32
N PHE B 80 0.71 10.86 -20.72
CA PHE B 80 0.32 10.84 -22.13
C PHE B 80 0.42 12.17 -22.86
N GLY B 81 0.63 13.24 -22.12
CA GLY B 81 0.62 14.57 -22.70
C GLY B 81 -0.77 15.17 -22.63
N PRO B 82 -0.87 16.49 -22.39
CA PRO B 82 -2.16 17.14 -22.17
C PRO B 82 -3.11 17.04 -23.38
N THR B 83 -2.56 16.98 -24.59
CA THR B 83 -3.38 16.96 -25.80
C THR B 83 -3.75 15.56 -26.31
N CYS B 84 -3.46 14.52 -25.52
CA CYS B 84 -3.68 13.13 -25.94
C CYS B 84 -5.12 12.86 -26.34
N ALA B 85 -5.32 12.32 -27.55
CA ALA B 85 -6.67 12.04 -28.04
C ALA B 85 -7.39 11.02 -27.15
N ALA B 86 -6.67 9.96 -26.77
CA ALA B 86 -7.25 8.92 -25.91
C ALA B 86 -7.75 9.54 -24.61
N LEU B 87 -7.00 10.52 -24.11
CA LEU B 87 -7.31 11.15 -22.83
C LEU B 87 -8.50 12.11 -22.97
N ARG B 88 -8.53 12.89 -24.04
CA ARG B 88 -9.65 13.78 -24.31
C ARG B 88 -10.96 13.01 -24.51
N ASP B 89 -10.85 11.81 -25.09
CA ASP B 89 -12.03 10.97 -25.35
C ASP B 89 -12.42 10.13 -24.13
N GLY B 90 -11.60 10.18 -23.09
CA GLY B 90 -11.89 9.51 -21.85
C GLY B 90 -11.79 7.99 -21.91
N ARG B 91 -10.97 7.48 -22.82
CA ARG B 91 -10.91 6.03 -23.01
C ARG B 91 -9.75 5.39 -22.25
N ILE B 92 -9.11 6.14 -21.35
CA ILE B 92 -8.08 5.56 -20.48
C ILE B 92 -8.59 5.37 -19.05
N ALA B 93 -8.49 4.14 -18.58
CA ALA B 93 -8.89 3.82 -17.21
C ALA B 93 -7.66 3.93 -16.32
N SER B 94 -7.76 4.71 -15.23
CA SER B 94 -6.59 4.92 -14.40
C SER B 94 -6.89 4.87 -12.90
N CYS B 95 -5.87 4.60 -12.10
CA CYS B 95 -6.03 4.65 -10.64
C CYS B 95 -4.69 4.88 -9.99
N GLN B 96 -4.73 5.43 -8.79
CA GLN B 96 -3.55 5.55 -7.94
C GLN B 96 -3.14 4.16 -7.46
N THR B 97 -1.82 3.93 -7.30
CA THR B 97 -1.30 2.66 -6.87
C THR B 97 -0.14 2.87 -5.89
N LEU B 98 0.25 1.79 -5.22
CA LEU B 98 1.39 1.80 -4.31
C LEU B 98 2.69 1.75 -5.12
N GLY B 99 3.11 2.92 -5.58
CA GLY B 99 4.25 2.99 -6.48
C GLY B 99 3.99 2.32 -7.83
N GLY B 100 5.05 2.24 -8.63
CA GLY B 100 5.01 1.45 -9.84
C GLY B 100 4.77 -0.04 -9.54
N THR B 101 5.26 -0.51 -8.39
CA THR B 101 5.09 -1.94 -8.01
C THR B 101 3.61 -2.28 -7.97
N GLY B 102 2.82 -1.46 -7.27
CA GLY B 102 1.41 -1.74 -7.15
C GLY B 102 0.70 -1.71 -8.49
N ALA B 103 1.14 -0.83 -9.40
CA ALA B 103 0.54 -0.75 -10.72
C ALA B 103 0.85 -2.01 -11.54
N LEU B 104 2.09 -2.48 -11.45
CA LEU B 104 2.45 -3.75 -12.10
C LEU B 104 1.60 -4.93 -11.58
N ARG B 105 1.47 -5.02 -10.25
CA ARG B 105 0.67 -6.11 -9.66
C ARG B 105 -0.81 -6.03 -10.04
N ILE B 106 -1.41 -4.85 -9.85
CA ILE B 106 -2.83 -4.72 -10.16
C ILE B 106 -3.09 -4.92 -11.65
N GLY B 107 -2.23 -4.34 -12.47
CA GLY B 107 -2.32 -4.58 -13.90
C GLY B 107 -2.22 -6.04 -14.26
N GLY B 108 -1.28 -6.75 -13.65
CA GLY B 108 -1.15 -8.18 -13.91
C GLY B 108 -2.39 -8.96 -13.42
N ASP B 109 -2.89 -8.62 -12.24
CA ASP B 109 -4.07 -9.30 -11.72
C ASP B 109 -5.28 -9.05 -12.64
N LEU B 110 -5.37 -7.83 -13.20
CA LEU B 110 -6.45 -7.52 -14.13
C LEU B 110 -6.35 -8.29 -15.46
N LEU B 111 -5.14 -8.39 -16.01
CA LEU B 111 -4.90 -9.14 -17.25
C LEU B 111 -5.25 -10.61 -17.11
N ASN B 112 -4.76 -11.23 -16.03
CA ASN B 112 -4.99 -12.63 -15.80
C ASN B 112 -6.47 -12.96 -15.56
N ARG B 113 -7.22 -12.00 -15.03
CA ARG B 113 -8.64 -12.18 -14.79
C ARG B 113 -9.43 -12.08 -16.09
N PHE B 114 -9.00 -11.21 -17.00
CA PHE B 114 -9.89 -10.88 -18.11
C PHE B 114 -9.42 -11.27 -19.51
N VAL B 115 -8.13 -11.51 -19.67
CA VAL B 115 -7.61 -11.97 -20.95
C VAL B 115 -7.50 -13.49 -20.94
N ALA B 116 -8.17 -14.14 -21.91
CA ALA B 116 -8.20 -15.60 -21.96
C ALA B 116 -6.81 -16.19 -22.09
N ASN B 117 -6.56 -17.25 -21.32
CA ASN B 117 -5.27 -17.94 -21.30
C ASN B 117 -4.07 -16.98 -21.14
N CYS B 118 -4.26 -15.94 -20.33
CA CYS B 118 -3.16 -15.01 -20.07
C CYS B 118 -2.39 -15.48 -18.84
N ASN B 119 -1.52 -16.46 -19.05
CA ASN B 119 -0.71 -17.04 -18.00
C ASN B 119 0.79 -16.90 -18.28
N ARG B 120 1.13 -15.96 -19.16
CA ARG B 120 2.52 -15.71 -19.52
C ARG B 120 2.67 -14.25 -19.87
N ILE B 121 3.88 -13.72 -19.65
CA ILE B 121 4.21 -12.36 -20.04
C ILE B 121 5.68 -12.37 -20.47
N TYR B 122 6.02 -11.67 -21.56
CA TYR B 122 7.39 -11.61 -22.06
C TYR B 122 8.15 -10.39 -21.57
N GLY B 123 9.30 -10.61 -20.93
CA GLY B 123 10.13 -9.51 -20.45
C GLY B 123 11.59 -9.62 -20.93
N PRO B 124 12.35 -8.54 -20.77
CA PRO B 124 13.74 -8.60 -21.29
C PRO B 124 14.57 -9.66 -20.59
N ASP B 125 15.47 -10.31 -21.34
CA ASP B 125 16.24 -11.43 -20.80
C ASP B 125 17.04 -11.07 -19.56
N VAL B 126 17.55 -9.84 -19.51
CA VAL B 126 18.08 -9.29 -18.27
C VAL B 126 17.08 -8.22 -17.80
N GLY B 127 16.47 -8.44 -16.65
CA GLY B 127 15.42 -7.54 -16.21
C GLY B 127 15.38 -7.28 -14.73
N TYR B 128 14.33 -6.57 -14.34
CA TYR B 128 14.11 -6.17 -12.96
C TYR B 128 13.64 -7.39 -12.17
N PRO B 129 14.36 -7.78 -11.11
CA PRO B 129 14.10 -9.07 -10.48
C PRO B 129 12.68 -9.19 -9.90
N ASN B 130 12.13 -8.11 -9.36
CA ASN B 130 10.82 -8.24 -8.73
C ASN B 130 9.71 -8.43 -9.77
N HIS B 131 9.99 -8.15 -11.05
CA HIS B 131 8.98 -8.36 -12.08
C HIS B 131 8.54 -9.84 -12.11
N GLU B 132 9.50 -10.76 -11.96
CA GLU B 132 9.13 -12.18 -12.02
C GLU B 132 8.13 -12.54 -10.91
N SER B 133 8.38 -12.09 -9.68
CA SER B 133 7.48 -12.45 -8.59
CA SER B 133 7.52 -12.37 -8.54
C SER B 133 6.15 -11.70 -8.65
N ILE B 134 6.17 -10.44 -9.05
CA ILE B 134 4.93 -9.70 -9.20
C ILE B 134 3.98 -10.46 -10.16
N PHE B 135 4.49 -10.81 -11.33
CA PHE B 135 3.59 -11.44 -12.29
C PHE B 135 3.28 -12.87 -11.92
N ALA B 136 4.18 -13.55 -11.22
CA ALA B 136 3.87 -14.91 -10.72
C ALA B 136 2.67 -14.89 -9.76
N LYS B 137 2.60 -13.87 -8.90
CA LYS B 137 1.48 -13.74 -7.97
C LYS B 137 0.18 -13.52 -8.74
N ALA B 138 0.30 -12.91 -9.92
CA ALA B 138 -0.84 -12.68 -10.80
C ALA B 138 -1.15 -13.88 -11.69
N GLY B 139 -0.37 -14.95 -11.58
CA GLY B 139 -0.65 -16.15 -12.36
C GLY B 139 -0.05 -16.14 -13.76
N MET B 140 0.97 -15.30 -13.95
CA MET B 140 1.61 -15.12 -15.24
C MET B 140 3.10 -15.38 -15.12
N GLU B 141 3.60 -16.35 -15.91
CA GLU B 141 5.01 -16.72 -15.92
C GLU B 141 5.80 -15.75 -16.79
N LEU B 142 6.75 -15.05 -16.20
CA LEU B 142 7.65 -14.17 -16.95
C LEU B 142 8.64 -14.97 -17.79
N THR B 143 8.65 -14.73 -19.10
CA THR B 143 9.51 -15.49 -20.01
CA THR B 143 9.50 -15.50 -20.00
C THR B 143 10.32 -14.51 -20.84
N PRO B 144 11.56 -14.89 -21.19
CA PRO B 144 12.42 -13.86 -21.79
C PRO B 144 12.26 -13.60 -23.28
N TYR B 145 12.57 -12.36 -23.67
CA TYR B 145 12.94 -12.03 -25.04
C TYR B 145 14.37 -11.47 -25.04
N SER B 146 15.09 -11.75 -26.12
CA SER B 146 16.46 -11.28 -26.27
C SER B 146 16.50 -9.76 -26.16
N TYR B 147 17.42 -9.24 -25.36
CA TYR B 147 17.48 -7.81 -25.16
C TYR B 147 18.90 -7.31 -24.92
N TYR B 148 19.53 -7.82 -23.87
CA TYR B 148 20.86 -7.37 -23.49
C TYR B 148 21.95 -8.15 -24.21
N ASP B 149 22.96 -7.44 -24.74
CA ASP B 149 24.11 -8.07 -25.41
C ASP B 149 25.32 -8.01 -24.47
N PRO B 150 25.73 -9.14 -23.87
CA PRO B 150 26.84 -9.04 -22.92
C PRO B 150 28.17 -8.66 -23.56
N ALA B 151 28.33 -8.95 -24.85
CA ALA B 151 29.57 -8.64 -25.55
C ALA B 151 29.81 -7.13 -25.62
N THR B 152 28.72 -6.37 -25.81
CA THR B 152 28.81 -4.92 -26.01
C THR B 152 28.33 -4.16 -24.79
N LYS B 153 27.74 -4.88 -23.84
CA LYS B 153 27.01 -4.28 -22.73
C LYS B 153 25.99 -3.27 -23.27
N GLY B 154 25.37 -3.64 -24.40
CA GLY B 154 24.44 -2.81 -25.14
C GLY B 154 23.22 -3.59 -25.61
N LEU B 155 22.55 -3.08 -26.65
CA LEU B 155 21.26 -3.64 -27.07
C LEU B 155 21.40 -4.70 -28.18
N ASN B 156 20.55 -5.72 -28.12
CA ASN B 156 20.41 -6.68 -29.21
C ASN B 156 19.04 -6.49 -29.88
N LEU B 157 18.93 -5.46 -30.73
CA LEU B 157 17.65 -5.11 -31.34
C LEU B 157 17.12 -6.19 -32.25
N ALA B 158 17.98 -6.77 -33.10
CA ALA B 158 17.54 -7.80 -34.02
C ALA B 158 16.94 -8.99 -33.27
N GLY B 159 17.60 -9.39 -32.18
CA GLY B 159 17.08 -10.45 -31.32
C GLY B 159 15.75 -10.13 -30.66
N MET B 160 15.61 -8.89 -30.19
CA MET B 160 14.36 -8.46 -29.58
C MET B 160 13.21 -8.52 -30.59
N LEU B 161 13.44 -7.96 -31.78
CA LEU B 161 12.43 -7.95 -32.83
C LEU B 161 12.00 -9.35 -33.24
N GLU B 162 12.98 -10.25 -33.39
CA GLU B 162 12.71 -11.63 -33.80
C GLU B 162 11.88 -12.34 -32.74
N CYS B 163 12.27 -12.16 -31.48
CA CYS B 163 11.54 -12.75 -30.37
C CYS B 163 10.10 -12.25 -30.29
N LEU B 164 9.91 -10.94 -30.42
CA LEU B 164 8.57 -10.38 -30.37
C LEU B 164 7.73 -10.84 -31.57
N ASP B 165 8.38 -11.04 -32.72
CA ASP B 165 7.65 -11.44 -33.91
C ASP B 165 7.19 -12.89 -33.80
N LYS B 166 7.98 -13.70 -33.09
CA LYS B 166 7.69 -15.12 -32.97
C LYS B 166 6.74 -15.45 -31.82
N ALA B 167 6.58 -14.54 -30.86
CA ALA B 167 5.70 -14.79 -29.74
C ALA B 167 4.27 -14.96 -30.25
N PRO B 168 3.49 -15.83 -29.59
CA PRO B 168 2.11 -16.06 -30.03
C PRO B 168 1.35 -14.75 -30.13
N GLU B 169 0.50 -14.64 -31.14
CA GLU B 169 -0.35 -13.46 -31.30
C GLU B 169 -1.09 -13.15 -30.01
N GLY B 170 -1.13 -11.88 -29.64
CA GLY B 170 -1.89 -11.49 -28.47
C GLY B 170 -1.17 -11.68 -27.15
N SER B 171 0.16 -11.75 -27.20
CA SER B 171 0.97 -11.91 -25.99
C SER B 171 1.12 -10.61 -25.23
N VAL B 172 1.27 -10.71 -23.90
CA VAL B 172 1.61 -9.52 -23.12
C VAL B 172 3.13 -9.29 -23.18
N ILE B 173 3.54 -8.11 -23.59
CA ILE B 173 4.96 -7.78 -23.73
C ILE B 173 5.35 -6.68 -22.75
N LEU B 174 6.19 -7.02 -21.79
CA LEU B 174 6.63 -6.07 -20.77
C LEU B 174 7.85 -5.28 -21.30
N VAL B 175 7.77 -3.95 -21.31
CA VAL B 175 8.91 -3.14 -21.77
C VAL B 175 9.19 -2.01 -20.79
N HIS B 176 10.47 -1.69 -20.60
CA HIS B 176 10.85 -0.55 -19.78
C HIS B 176 10.83 0.71 -20.66
N ALA B 177 10.14 1.76 -20.24
CA ALA B 177 10.01 2.97 -21.08
C ALA B 177 11.35 3.66 -21.32
N CYS B 178 12.19 3.67 -20.29
CA CYS B 178 13.54 4.27 -20.34
C CYS B 178 14.27 3.95 -19.06
N ALA B 179 15.59 4.15 -19.09
CA ALA B 179 16.47 3.77 -17.98
C ALA B 179 16.20 2.34 -17.56
N HIS B 180 16.38 1.44 -18.51
CA HIS B 180 16.23 0.01 -18.21
C HIS B 180 16.99 -0.38 -16.94
N ASN B 181 16.29 -1.09 -16.03
CA ASN B 181 16.87 -1.53 -14.76
C ASN B 181 16.98 -3.05 -14.91
N PRO B 182 18.20 -3.63 -14.83
CA PRO B 182 19.44 -3.12 -14.23
C PRO B 182 20.56 -2.68 -15.16
N THR B 183 20.35 -2.70 -16.47
CA THR B 183 21.52 -2.54 -17.37
C THR B 183 21.78 -1.12 -17.79
N GLY B 184 20.75 -0.26 -17.79
CA GLY B 184 20.94 1.07 -18.37
C GLY B 184 20.77 1.09 -19.89
N VAL B 185 20.63 -0.09 -20.51
CA VAL B 185 20.57 -0.16 -21.98
C VAL B 185 19.17 0.14 -22.50
N ASP B 186 19.04 1.22 -23.27
CA ASP B 186 17.76 1.67 -23.84
C ASP B 186 17.79 1.65 -25.36
N PRO B 187 16.70 1.18 -25.99
CA PRO B 187 16.55 1.43 -27.42
C PRO B 187 16.42 2.93 -27.69
N THR B 188 16.80 3.37 -28.88
CA THR B 188 16.57 4.76 -29.32
C THR B 188 15.12 4.88 -29.78
N HIS B 189 14.64 6.10 -30.04
CA HIS B 189 13.28 6.24 -30.56
C HIS B 189 13.14 5.55 -31.92
N ASP B 190 14.17 5.61 -32.77
CA ASP B 190 14.19 4.88 -34.05
C ASP B 190 13.97 3.39 -33.77
N ASP B 191 14.66 2.87 -32.76
CA ASP B 191 14.55 1.44 -32.44
C ASP B 191 13.13 1.14 -31.96
N TRP B 192 12.62 2.02 -31.09
CA TRP B 192 11.29 1.81 -30.51
C TRP B 192 10.23 1.82 -31.60
N ARG B 193 10.46 2.59 -32.67
CA ARG B 193 9.50 2.59 -33.76
CA ARG B 193 9.50 2.59 -33.76
C ARG B 193 9.41 1.20 -34.38
N GLN B 194 10.57 0.54 -34.52
CA GLN B 194 10.57 -0.83 -35.05
C GLN B 194 9.89 -1.81 -34.10
N VAL B 195 10.18 -1.68 -32.79
CA VAL B 195 9.56 -2.53 -31.76
C VAL B 195 8.03 -2.41 -31.78
N CYS B 196 7.55 -1.18 -31.77
CA CYS B 196 6.09 -0.91 -31.75
C CYS B 196 5.38 -1.41 -33.01
N ASP B 197 6.05 -1.38 -34.16
CA ASP B 197 5.46 -1.93 -35.36
C ASP B 197 5.20 -3.44 -35.22
N VAL B 198 6.14 -4.15 -34.59
CA VAL B 198 6.00 -5.60 -34.41
C VAL B 198 4.87 -5.88 -33.42
N ILE B 199 4.83 -5.09 -32.35
CA ILE B 199 3.81 -5.26 -31.33
C ILE B 199 2.42 -5.06 -31.94
N LYS B 200 2.27 -4.05 -32.79
CA LYS B 200 0.99 -3.79 -33.43
C LYS B 200 0.59 -4.93 -34.39
N ARG B 201 1.52 -5.31 -35.25
CA ARG B 201 1.29 -6.31 -36.28
C ARG B 201 0.87 -7.65 -35.67
N ARG B 202 1.49 -8.00 -34.55
CA ARG B 202 1.25 -9.27 -33.89
C ARG B 202 0.12 -9.20 -32.85
N ASN B 203 -0.54 -8.05 -32.76
CA ASN B 203 -1.68 -7.84 -31.86
C ASN B 203 -1.33 -8.12 -30.40
N HIS B 204 -0.08 -7.80 -30.04
CA HIS B 204 0.41 -7.98 -28.69
C HIS B 204 -0.18 -6.90 -27.76
N ILE B 205 -0.21 -7.21 -26.48
CA ILE B 205 -0.62 -6.26 -25.46
C ILE B 205 0.62 -5.69 -24.77
N PRO B 206 0.97 -4.44 -25.07
CA PRO B 206 2.14 -3.87 -24.41
C PRO B 206 1.86 -3.44 -22.99
N PHE B 207 2.78 -3.78 -22.09
CA PHE B 207 2.74 -3.41 -20.67
C PHE B 207 3.99 -2.60 -20.43
N VAL B 208 3.83 -1.30 -20.33
CA VAL B 208 4.99 -0.41 -20.21
C VAL B 208 5.31 -0.12 -18.75
N ASP B 209 6.51 -0.49 -18.31
CA ASP B 209 6.95 -0.09 -16.98
C ASP B 209 7.68 1.25 -17.13
N MET B 210 7.02 2.32 -16.70
CA MET B 210 7.65 3.65 -16.78
C MET B 210 7.97 4.12 -15.37
N ALA B 211 9.15 3.71 -14.91
CA ALA B 211 9.58 3.96 -13.55
C ALA B 211 10.41 5.22 -13.42
N TYR B 212 10.84 5.79 -14.58
CA TYR B 212 11.85 6.85 -14.55
C TYR B 212 11.58 8.02 -15.50
N GLN B 213 10.32 8.35 -15.74
CA GLN B 213 10.04 9.45 -16.67
C GLN B 213 10.70 10.76 -16.21
N GLY B 214 11.47 11.40 -17.09
CA GLY B 214 12.11 12.66 -16.75
C GLY B 214 13.40 12.47 -15.97
N PHE B 215 13.35 11.57 -14.99
CA PHE B 215 14.54 11.20 -14.24
C PHE B 215 15.57 10.62 -15.20
N ALA B 216 15.10 9.91 -16.21
CA ALA B 216 16.02 9.22 -17.13
C ALA B 216 16.94 10.14 -17.96
N THR B 217 16.36 11.06 -18.73
CA THR B 217 17.16 11.94 -19.60
C THR B 217 16.98 13.44 -19.32
N GLY B 218 16.14 13.74 -18.34
CA GLY B 218 15.86 15.14 -18.01
C GLY B 218 14.76 15.75 -18.86
N GLN B 219 14.21 14.97 -19.77
CA GLN B 219 13.19 15.45 -20.72
C GLN B 219 11.93 14.62 -20.58
N LEU B 220 10.88 15.20 -20.01
CA LEU B 220 9.67 14.42 -19.68
C LEU B 220 8.95 13.88 -20.93
N ASP B 221 8.87 14.70 -21.99
CA ASP B 221 8.19 14.27 -23.22
C ASP B 221 8.99 13.14 -23.91
N TYR B 222 10.29 13.36 -24.07
CA TYR B 222 11.17 12.34 -24.66
C TYR B 222 11.09 11.00 -23.91
N ASP B 223 11.15 11.05 -22.57
CA ASP B 223 11.17 9.82 -21.79
C ASP B 223 9.82 9.08 -21.81
N ALA B 224 8.77 9.77 -22.18
CA ALA B 224 7.46 9.10 -22.30
C ALA B 224 7.12 8.69 -23.74
N PHE B 225 8.11 8.67 -24.63
CA PHE B 225 7.83 8.32 -26.02
C PHE B 225 7.11 6.99 -26.20
N VAL B 226 7.56 5.98 -25.48
CA VAL B 226 7.05 4.62 -25.68
C VAL B 226 5.52 4.56 -25.41
N PRO B 227 5.06 4.99 -24.23
CA PRO B 227 3.60 4.93 -24.07
C PRO B 227 2.81 5.88 -25.00
N ARG B 228 3.36 7.06 -25.26
CA ARG B 228 2.65 8.00 -26.13
C ARG B 228 2.58 7.49 -27.56
N HIS B 229 3.65 6.83 -27.98
CA HIS B 229 3.71 6.30 -29.34
C HIS B 229 2.77 5.10 -29.49
N LEU B 230 2.70 4.26 -28.45
CA LEU B 230 1.88 3.05 -28.50
C LEU B 230 0.37 3.30 -28.34
N VAL B 231 -0.01 4.35 -27.63
CA VAL B 231 -1.41 4.48 -27.22
C VAL B 231 -2.36 4.67 -28.43
N ASP B 232 -1.84 5.17 -29.55
CA ASP B 232 -2.66 5.29 -30.76
C ASP B 232 -2.49 4.12 -31.74
N MET B 233 -1.70 3.11 -31.36
CA MET B 233 -1.32 2.03 -32.26
C MET B 233 -1.99 0.70 -31.96
N VAL B 234 -2.40 0.52 -30.71
CA VAL B 234 -2.95 -0.74 -30.24
C VAL B 234 -4.29 -0.49 -29.54
N PRO B 235 -5.15 -1.50 -29.47
CA PRO B 235 -6.44 -1.34 -28.79
C PRO B 235 -6.29 -1.13 -27.27
N ASN B 236 -5.34 -1.85 -26.68
CA ASN B 236 -5.11 -1.79 -25.23
C ASN B 236 -3.62 -1.65 -24.89
N LEU B 237 -3.29 -0.55 -24.25
CA LEU B 237 -1.96 -0.29 -23.72
C LEU B 237 -2.04 -0.22 -22.19
N ILE B 238 -1.12 -0.87 -21.49
CA ILE B 238 -1.06 -0.78 -20.03
C ILE B 238 0.21 -0.06 -19.60
N VAL B 239 0.08 0.89 -18.68
CA VAL B 239 1.25 1.62 -18.20
C VAL B 239 1.32 1.61 -16.68
N ALA B 240 2.46 1.15 -16.14
CA ALA B 240 2.75 1.27 -14.70
C ALA B 240 3.68 2.46 -14.51
N GLN B 241 3.19 3.48 -13.80
CA GLN B 241 3.92 4.76 -13.67
C GLN B 241 4.37 4.97 -12.22
N SER B 242 5.69 5.09 -12.02
CA SER B 242 6.22 5.34 -10.68
C SER B 242 6.58 6.81 -10.46
N PHE B 243 6.21 7.38 -9.30
CA PHE B 243 6.70 8.73 -8.92
C PHE B 243 7.80 8.65 -7.85
N SER B 244 8.32 7.45 -7.61
CA SER B 244 9.37 7.27 -6.57
C SER B 244 10.67 8.00 -6.91
N ALA B 245 11.21 7.77 -8.10
CA ALA B 245 12.47 8.40 -8.47
C ALA B 245 12.26 9.83 -8.93
N ASN B 246 11.27 10.08 -9.80
CA ASN B 246 11.27 11.42 -10.43
C ASN B 246 10.72 12.52 -9.51
N PHE B 247 10.07 12.15 -8.42
CA PHE B 247 9.74 13.14 -7.39
C PHE B 247 10.52 12.89 -6.09
N GLY B 248 11.40 11.88 -6.08
CA GLY B 248 12.09 11.49 -4.85
C GLY B 248 11.13 11.02 -3.73
N LEU B 249 9.96 10.50 -4.09
CA LEU B 249 8.92 10.11 -3.13
C LEU B 249 8.95 8.62 -2.74
N TYR B 250 10.07 7.95 -3.01
CA TYR B 250 10.22 6.49 -2.79
C TYR B 250 9.32 5.90 -1.68
N GLY B 251 9.63 6.23 -0.43
CA GLY B 251 8.98 5.61 0.71
C GLY B 251 7.53 6.03 0.95
N HIS B 252 7.07 7.03 0.23
CA HIS B 252 5.66 7.45 0.35
C HIS B 252 4.73 6.66 -0.60
N ARG B 253 5.32 5.84 -1.49
CA ARG B 253 4.60 4.83 -2.25
C ARG B 253 3.51 5.39 -3.17
N CYS B 254 3.95 6.16 -4.16
CA CYS B 254 3.07 6.92 -5.02
C CYS B 254 3.28 6.47 -6.47
N GLY B 255 2.23 5.97 -7.12
CA GLY B 255 2.30 5.59 -8.53
C GLY B 255 0.91 5.66 -9.12
N ALA B 256 0.81 5.30 -10.39
CA ALA B 256 -0.47 5.20 -11.09
C ALA B 256 -0.44 4.07 -12.11
N LEU B 257 -1.61 3.48 -12.35
CA LEU B 257 -1.82 2.47 -13.37
C LEU B 257 -2.73 3.07 -14.43
N HIS B 258 -2.39 2.89 -15.72
CA HIS B 258 -3.23 3.37 -16.82
C HIS B 258 -3.48 2.23 -17.80
N ILE B 259 -4.72 2.09 -18.24
CA ILE B 259 -5.06 1.10 -19.26
C ILE B 259 -5.96 1.76 -20.29
N SER B 260 -5.49 1.84 -21.54
CA SER B 260 -6.30 2.45 -22.58
C SER B 260 -7.30 1.43 -23.10
N THR B 261 -8.45 1.91 -23.57
CA THR B 261 -9.56 1.07 -24.02
C THR B 261 -10.21 1.70 -25.25
N ALA B 262 -11.21 1.02 -25.81
CA ALA B 262 -11.83 1.47 -27.05
C ALA B 262 -12.77 2.67 -26.85
N SER B 263 -13.18 2.91 -25.62
CA SER B 263 -14.18 3.94 -25.35
C SER B 263 -14.29 4.30 -23.87
N ALA B 264 -14.89 5.46 -23.60
CA ALA B 264 -15.09 5.93 -22.23
C ALA B 264 -15.98 4.96 -21.45
N GLU B 265 -16.93 4.33 -22.14
CA GLU B 265 -17.80 3.35 -21.50
C GLU B 265 -17.00 2.14 -21.04
N GLU B 266 -16.10 1.66 -21.90
CA GLU B 266 -15.24 0.55 -21.52
C GLU B 266 -14.29 0.99 -20.42
N ALA B 267 -13.78 2.21 -20.50
CA ALA B 267 -12.85 2.70 -19.49
C ALA B 267 -13.51 2.76 -18.11
N LYS B 268 -14.73 3.28 -18.06
CA LYS B 268 -15.43 3.41 -16.80
C LYS B 268 -15.68 2.04 -16.16
N ARG B 269 -16.01 1.05 -16.99
CA ARG B 269 -16.27 -0.30 -16.47
C ARG B 269 -14.99 -0.95 -15.97
N LEU B 270 -13.89 -0.64 -16.65
CA LEU B 270 -12.58 -1.13 -16.26
C LEU B 270 -12.16 -0.56 -14.91
N VAL B 271 -12.45 0.71 -14.68
CA VAL B 271 -12.08 1.35 -13.41
C VAL B 271 -12.84 0.66 -12.28
N SER B 272 -14.08 0.33 -12.52
CA SER B 272 -14.85 -0.46 -11.56
C SER B 272 -14.17 -1.79 -11.21
N GLN B 273 -13.63 -2.47 -12.22
CA GLN B 273 -12.88 -3.70 -11.98
C GLN B 273 -11.56 -3.47 -11.22
N LEU B 274 -10.88 -2.33 -11.45
CA LEU B 274 -9.70 -2.00 -10.67
C LEU B 274 -10.06 -1.86 -9.19
N ALA B 275 -11.21 -1.25 -8.91
CA ALA B 275 -11.61 -1.05 -7.52
C ALA B 275 -11.84 -2.38 -6.81
N LEU B 276 -12.35 -3.37 -7.54
CA LEU B 276 -12.60 -4.71 -6.99
C LEU B 276 -11.29 -5.42 -6.66
N LEU B 277 -10.22 -5.09 -7.37
CA LEU B 277 -8.92 -5.65 -7.05
C LEU B 277 -8.25 -4.91 -5.90
N ILE B 278 -8.42 -3.59 -5.87
CA ILE B 278 -7.79 -2.75 -4.86
C ILE B 278 -8.40 -2.94 -3.45
N ARG B 279 -9.72 -2.95 -3.39
CA ARG B 279 -10.37 -2.92 -2.08
C ARG B 279 -9.91 -4.09 -1.17
N PRO B 280 -9.88 -5.34 -1.69
CA PRO B 280 -9.45 -6.45 -0.80
C PRO B 280 -7.93 -6.59 -0.69
N MET B 281 -7.19 -5.63 -1.24
CA MET B 281 -5.74 -5.60 -1.11
C MET B 281 -5.35 -4.66 0.02
N TYR B 282 -5.86 -3.43 -0.02
CA TYR B 282 -5.46 -2.40 0.93
C TYR B 282 -6.50 -1.29 1.10
N SER B 283 -7.69 -1.50 0.53
CA SER B 283 -8.86 -0.63 0.69
C SER B 283 -8.76 0.69 -0.12
N ASN B 284 -7.72 1.47 0.14
CA ASN B 284 -7.50 2.74 -0.56
C ASN B 284 -6.05 3.17 -0.35
N PRO B 285 -5.52 4.03 -1.25
CA PRO B 285 -4.08 4.26 -1.24
C PRO B 285 -3.64 5.44 -0.38
N PRO B 286 -2.34 5.49 -0.05
CA PRO B 286 -1.88 6.52 0.90
C PRO B 286 -1.87 7.94 0.32
N LEU B 287 -2.30 8.88 1.15
CA LEU B 287 -2.50 10.26 0.71
C LEU B 287 -1.24 11.04 0.34
N TYR B 288 -0.15 10.83 1.09
CA TYR B 288 0.91 11.83 1.17
C TYR B 288 1.55 12.10 -0.20
N GLY B 289 1.92 11.05 -0.90
CA GLY B 289 2.59 11.26 -2.18
C GLY B 289 1.64 11.86 -3.22
N ALA B 290 0.37 11.46 -3.16
CA ALA B 290 -0.60 11.98 -4.10
C ALA B 290 -0.82 13.46 -3.85
N TRP B 291 -0.85 13.87 -2.58
CA TRP B 291 -0.94 15.29 -2.24
C TRP B 291 0.19 16.07 -2.92
N VAL B 292 1.40 15.57 -2.75
CA VAL B 292 2.61 16.26 -3.22
C VAL B 292 2.60 16.40 -4.76
N VAL B 293 2.33 15.31 -5.45
CA VAL B 293 2.39 15.30 -6.90
C VAL B 293 1.26 16.17 -7.48
N SER B 294 0.06 16.06 -6.91
CA SER B 294 -1.06 16.86 -7.37
C SER B 294 -0.75 18.35 -7.16
N SER B 295 -0.17 18.67 -6.00
CA SER B 295 0.14 20.06 -5.68
C SER B 295 1.14 20.63 -6.68
N ILE B 296 2.21 19.88 -6.91
CA ILE B 296 3.26 20.36 -7.81
C ILE B 296 2.74 20.54 -9.23
N LEU B 297 2.01 19.55 -9.75
CA LEU B 297 1.66 19.58 -11.17
C LEU B 297 0.57 20.60 -11.47
N LYS B 298 -0.16 21.03 -10.44
CA LYS B 298 -1.20 22.04 -10.67
C LYS B 298 -0.71 23.47 -10.43
N ASP B 299 0.53 23.62 -9.96
CA ASP B 299 1.09 24.95 -9.68
C ASP B 299 2.20 25.24 -10.69
N PRO B 300 2.07 26.32 -11.47
CA PRO B 300 3.07 26.62 -12.53
C PRO B 300 4.49 26.82 -11.98
N GLN B 301 4.58 27.49 -10.83
CA GLN B 301 5.86 27.72 -10.17
C GLN B 301 6.49 26.38 -9.79
N LEU B 302 5.72 25.54 -9.10
CA LEU B 302 6.24 24.26 -8.66
C LEU B 302 6.58 23.34 -9.83
N THR B 303 5.75 23.32 -10.87
CA THR B 303 6.01 22.47 -12.04
C THR B 303 7.31 22.88 -12.73
N ALA B 304 7.49 24.19 -12.93
CA ALA B 304 8.71 24.66 -13.61
C ALA B 304 9.95 24.32 -12.78
N LEU B 305 9.84 24.48 -11.46
CA LEU B 305 10.98 24.14 -10.59
C LEU B 305 11.29 22.64 -10.66
N TRP B 306 10.24 21.83 -10.53
CA TRP B 306 10.36 20.37 -10.62
C TRP B 306 11.13 19.97 -11.91
N LYS B 307 10.75 20.55 -13.04
CA LYS B 307 11.43 20.20 -14.31
C LYS B 307 12.91 20.49 -14.27
N LYS B 308 13.29 21.62 -13.66
CA LYS B 308 14.70 21.96 -13.55
C LYS B 308 15.45 21.06 -12.57
N GLU B 309 14.77 20.67 -11.49
CA GLU B 309 15.40 19.76 -10.54
C GLU B 309 15.59 18.37 -11.17
N LEU B 310 14.65 17.94 -11.99
CA LEU B 310 14.75 16.65 -12.66
C LEU B 310 15.92 16.66 -13.64
N LYS B 311 16.08 17.77 -14.34
CA LYS B 311 17.20 17.92 -15.26
C LYS B 311 18.52 17.85 -14.50
N GLN B 312 18.56 18.47 -13.32
CA GLN B 312 19.80 18.48 -12.54
C GLN B 312 20.16 17.08 -12.00
N MET B 313 19.15 16.29 -11.59
CA MET B 313 19.39 14.94 -11.12
CA MET B 313 19.35 14.91 -11.14
C MET B 313 19.85 14.07 -12.29
N SER B 314 19.16 14.18 -13.42
CA SER B 314 19.53 13.37 -14.57
CA SER B 314 19.52 13.37 -14.58
C SER B 314 20.92 13.73 -15.09
N SER B 315 21.25 15.02 -15.07
CA SER B 315 22.55 15.47 -15.53
CA SER B 315 22.56 15.43 -15.56
C SER B 315 23.68 14.99 -14.61
N ARG B 316 23.41 14.94 -13.31
CA ARG B 316 24.46 14.48 -12.39
C ARG B 316 24.81 13.01 -12.67
N ILE B 317 23.80 12.21 -12.97
CA ILE B 317 23.98 10.78 -13.24
C ILE B 317 24.75 10.64 -14.57
N ALA B 318 24.31 11.36 -15.59
CA ALA B 318 25.03 11.33 -16.88
C ALA B 318 26.49 11.81 -16.76
N GLU B 319 26.71 12.86 -15.97
CA GLU B 319 28.04 13.43 -15.84
C GLU B 319 28.98 12.50 -15.07
N VAL B 320 28.49 11.80 -14.06
CA VAL B 320 29.39 10.90 -13.34
C VAL B 320 29.68 9.63 -14.15
N ARG B 321 28.77 9.24 -15.03
CA ARG B 321 29.05 8.17 -15.98
C ARG B 321 30.22 8.59 -16.89
N LYS B 322 30.09 9.79 -17.43
CA LYS B 322 31.12 10.35 -18.28
C LYS B 322 32.47 10.47 -17.56
N ARG B 323 32.41 10.89 -16.30
CA ARG B 323 33.61 11.06 -15.50
C ARG B 323 34.30 9.73 -15.20
N LEU B 324 33.53 8.70 -14.89
CA LEU B 324 34.09 7.35 -14.67
C LEU B 324 34.88 6.90 -15.90
N VAL B 325 34.28 7.05 -17.08
CA VAL B 325 34.98 6.67 -18.30
C VAL B 325 36.27 7.49 -18.53
N SER B 326 36.21 8.81 -18.32
CA SER B 326 37.37 9.67 -18.50
CA SER B 326 37.38 9.64 -18.53
C SER B 326 38.47 9.35 -17.49
N GLU B 327 38.08 9.05 -16.26
CA GLU B 327 39.07 8.71 -15.22
C GLU B 327 39.69 7.32 -15.51
N LEU B 328 38.88 6.40 -16.01
CA LEU B 328 39.41 5.08 -16.37
C LEU B 328 40.49 5.20 -17.43
N LYS B 329 40.27 6.06 -18.41
CA LYS B 329 41.29 6.30 -19.43
C LYS B 329 42.54 6.97 -18.84
N ALA B 330 42.33 7.94 -17.95
CA ALA B 330 43.44 8.65 -17.31
C ALA B 330 44.30 7.71 -16.46
N CYS B 331 43.65 6.74 -15.81
CA CYS B 331 44.32 5.71 -15.00
C CYS B 331 45.17 4.77 -15.86
N GLY B 332 44.88 4.76 -17.15
CA GLY B 332 45.60 3.94 -18.11
C GLY B 332 44.88 2.68 -18.57
N SER B 333 43.58 2.59 -18.29
CA SER B 333 42.82 1.45 -18.79
C SER B 333 42.81 1.42 -20.31
N VAL B 334 43.14 0.27 -20.88
CA VAL B 334 43.10 0.12 -22.32
C VAL B 334 41.78 -0.51 -22.79
N HIS B 335 40.90 -0.85 -21.86
CA HIS B 335 39.62 -1.46 -22.24
C HIS B 335 38.58 -0.43 -22.63
N ASP B 336 37.54 -0.88 -23.32
CA ASP B 336 36.49 0.03 -23.74
C ASP B 336 35.37 0.12 -22.70
N TRP B 337 35.10 1.36 -22.32
CA TRP B 337 34.08 1.65 -21.30
C TRP B 337 32.96 2.52 -21.87
N SER B 338 32.89 2.66 -23.19
CA SER B 338 31.87 3.55 -23.81
C SER B 338 30.44 3.18 -23.45
N HIS B 339 30.20 1.91 -23.09
CA HIS B 339 28.87 1.49 -22.70
C HIS B 339 28.40 2.26 -21.44
N ILE B 340 29.35 2.64 -20.59
CA ILE B 340 28.96 3.37 -19.37
C ILE B 340 28.35 4.74 -19.72
N GLU B 341 28.77 5.37 -20.82
CA GLU B 341 28.19 6.64 -21.22
C GLU B 341 26.96 6.48 -22.10
N ARG B 342 26.85 5.34 -22.77
CA ARG B 342 25.74 5.11 -23.69
CA ARG B 342 25.73 5.10 -23.69
C ARG B 342 24.50 4.68 -22.89
N GLN B 343 24.75 3.97 -21.80
CA GLN B 343 23.68 3.57 -20.87
C GLN B 343 23.05 4.79 -20.22
N VAL B 344 21.80 4.65 -19.80
CA VAL B 344 20.99 5.76 -19.29
C VAL B 344 20.43 5.39 -17.91
N GLY B 345 20.53 6.30 -16.94
CA GLY B 345 19.91 6.12 -15.64
C GLY B 345 20.83 5.69 -14.51
N MET B 346 20.24 5.32 -13.36
CA MET B 346 21.01 5.02 -12.15
C MET B 346 21.72 3.68 -12.16
N MET B 347 21.29 2.76 -13.03
CA MET B 347 21.84 1.43 -13.03
C MET B 347 22.69 1.17 -14.27
N ALA B 348 23.91 0.71 -14.05
CA ALA B 348 24.82 0.39 -15.13
C ALA B 348 25.28 -1.06 -15.06
N TYR B 349 25.18 -1.76 -16.20
CA TYR B 349 25.82 -3.07 -16.30
C TYR B 349 27.27 -2.82 -16.76
N THR B 350 28.22 -3.06 -15.86
CA THR B 350 29.61 -2.61 -16.10
C THR B 350 30.39 -3.56 -16.97
N GLY B 351 29.96 -4.81 -16.99
CA GLY B 351 30.70 -5.85 -17.68
C GLY B 351 31.85 -6.41 -16.87
N LEU B 352 31.94 -6.05 -15.59
CA LEU B 352 32.90 -6.69 -14.71
C LEU B 352 32.48 -8.13 -14.48
N THR B 353 33.46 -9.03 -14.43
CA THR B 353 33.19 -10.43 -14.11
C THR B 353 32.94 -10.62 -12.61
N ARG B 354 32.45 -11.78 -12.25
CA ARG B 354 32.20 -12.09 -10.84
C ARG B 354 33.45 -11.97 -9.99
N GLU B 355 34.57 -12.50 -10.51
CA GLU B 355 35.82 -12.49 -9.76
C GLU B 355 36.28 -11.05 -9.57
N GLN B 356 36.05 -10.22 -10.59
CA GLN B 356 36.42 -8.82 -10.54
C GLN B 356 35.56 -8.05 -9.54
N VAL B 357 34.26 -8.29 -9.54
CA VAL B 357 33.38 -7.71 -8.51
C VAL B 357 33.76 -8.13 -7.09
N GLU B 358 34.08 -9.40 -6.90
CA GLU B 358 34.47 -9.89 -5.58
C GLU B 358 35.76 -9.23 -5.11
N LEU B 359 36.69 -8.97 -6.04
CA LEU B 359 37.95 -8.34 -5.67
C LEU B 359 37.75 -6.84 -5.38
N LEU B 360 36.83 -6.20 -6.10
CA LEU B 360 36.45 -4.83 -5.76
C LEU B 360 36.03 -4.69 -4.31
N ARG B 361 35.28 -5.69 -3.84
CA ARG B 361 34.81 -5.69 -2.47
C ARG B 361 35.94 -6.01 -1.50
N SER B 362 36.69 -7.08 -1.76
CA SER B 362 37.63 -7.57 -0.77
C SER B 362 38.84 -6.64 -0.65
N GLU B 363 39.40 -6.21 -1.78
CA GLU B 363 40.58 -5.34 -1.75
C GLU B 363 40.21 -3.85 -1.64
N TYR B 364 39.13 -3.40 -2.27
CA TYR B 364 38.82 -1.96 -2.29
C TYR B 364 37.55 -1.55 -1.53
N HIS B 365 36.78 -2.52 -1.06
CA HIS B 365 35.57 -2.27 -0.26
C HIS B 365 34.54 -1.47 -1.05
N ILE B 366 34.50 -1.75 -2.35
CA ILE B 366 33.51 -1.21 -3.27
C ILE B 366 32.49 -2.29 -3.51
N TYR B 367 31.21 -1.99 -3.24
CA TYR B 367 30.15 -3.01 -3.24
C TYR B 367 29.21 -2.92 -4.44
N MET B 368 29.30 -3.89 -5.35
CA MET B 368 28.32 -4.08 -6.42
C MET B 368 27.72 -5.47 -6.32
N THR B 369 26.62 -5.72 -7.01
CA THR B 369 26.13 -7.10 -7.07
C THR B 369 27.01 -7.88 -8.04
N LEU B 370 27.01 -9.21 -7.89
CA LEU B 370 27.93 -10.11 -8.58
C LEU B 370 27.71 -10.17 -10.09
N ASN B 371 26.56 -9.69 -10.54
CA ASN B 371 26.27 -9.59 -11.96
C ASN B 371 26.98 -8.39 -12.63
N GLY B 372 27.65 -7.58 -11.83
CA GLY B 372 28.37 -6.41 -12.35
C GLY B 372 27.51 -5.15 -12.47
N ARG B 373 26.32 -5.16 -11.87
CA ARG B 373 25.49 -3.96 -11.81
C ARG B 373 26.09 -2.94 -10.83
N ALA B 374 26.24 -1.70 -11.28
CA ALA B 374 26.62 -0.61 -10.39
C ALA B 374 25.53 0.45 -10.36
N ALA B 375 25.12 0.85 -9.15
CA ALA B 375 24.23 1.98 -8.97
C ALA B 375 25.07 3.25 -8.99
N VAL B 376 25.07 3.96 -10.10
CA VAL B 376 26.02 5.06 -10.25
C VAL B 376 25.58 6.29 -9.44
N SER B 377 24.36 6.24 -8.90
CA SER B 377 23.96 7.27 -7.93
C SER B 377 24.89 7.25 -6.70
N GLY B 378 25.57 6.13 -6.48
CA GLY B 378 26.54 6.05 -5.40
C GLY B 378 27.89 6.66 -5.74
N LEU B 379 28.09 7.00 -7.01
CA LEU B 379 29.32 7.68 -7.43
C LEU B 379 29.14 9.17 -7.31
N ASN B 380 30.20 9.87 -6.95
CA ASN B 380 30.16 11.32 -6.83
C ASN B 380 31.57 11.89 -6.94
N SER B 381 31.67 13.20 -6.79
CA SER B 381 32.92 13.89 -6.95
C SER B 381 33.99 13.45 -5.94
N THR B 382 33.57 12.95 -4.79
CA THR B 382 34.53 12.59 -3.75
C THR B 382 35.05 11.16 -3.87
N ASN B 383 34.36 10.30 -4.61
CA ASN B 383 34.85 8.91 -4.71
C ASN B 383 35.11 8.39 -6.13
N VAL B 384 34.87 9.18 -7.16
CA VAL B 384 34.88 8.64 -8.51
C VAL B 384 36.30 8.31 -8.95
N GLU B 385 37.28 9.07 -8.46
CA GLU B 385 38.68 8.82 -8.79
C GLU B 385 39.16 7.51 -8.19
N TYR B 386 38.81 7.30 -6.92
CA TYR B 386 39.07 6.05 -6.22
C TYR B 386 38.45 4.86 -6.94
N VAL B 387 37.17 4.98 -7.25
CA VAL B 387 36.47 3.86 -7.87
C VAL B 387 37.04 3.54 -9.23
N SER B 388 37.39 4.57 -10.00
CA SER B 388 38.04 4.38 -11.30
C SER B 388 39.37 3.64 -11.19
N GLN B 389 40.20 4.06 -10.25
CA GLN B 389 41.49 3.42 -10.04
C GLN B 389 41.32 1.96 -9.62
N ALA B 390 40.31 1.70 -8.77
CA ALA B 390 40.04 0.34 -8.33
C ALA B 390 39.57 -0.52 -9.50
N ILE B 391 38.64 0.01 -10.30
CA ILE B 391 38.14 -0.74 -11.45
C ILE B 391 39.25 -1.01 -12.48
N HIS B 392 40.12 -0.02 -12.70
CA HIS B 392 41.29 -0.23 -13.54
C HIS B 392 42.13 -1.38 -13.00
N ASN B 393 42.45 -1.33 -11.71
CA ASN B 393 43.35 -2.31 -11.13
C ASN B 393 42.85 -3.73 -11.26
N VAL B 394 41.54 -3.93 -11.13
CA VAL B 394 41.01 -5.29 -11.17
C VAL B 394 40.74 -5.78 -12.60
N THR B 395 40.78 -4.88 -13.58
CA THR B 395 40.56 -5.30 -14.97
C THR B 395 41.80 -5.22 -15.86
N LYS B 396 42.89 -4.66 -15.35
CA LYS B 396 44.07 -4.48 -16.20
C LYS B 396 44.80 -5.79 -16.45
#